data_7C8J
#
_entry.id   7C8J
#
_cell.length_a   163.197
_cell.length_b   163.197
_cell.length_c   211.671
_cell.angle_alpha   90.000
_cell.angle_beta   90.000
_cell.angle_gamma   90.000
#
_symmetry.space_group_name_H-M   'I 4 2 2'
#
loop_
_entity.id
_entity.type
_entity.pdbx_description
1 polymer 'Angiotensin-converting enzyme'
2 polymer 'SARS-CoV-2 Receptor binding domain'
3 non-polymer 'ZINC ION'
#
loop_
_entity_poly.entity_id
_entity_poly.type
_entity_poly.pdbx_seq_one_letter_code
_entity_poly.pdbx_strand_id
1 'polypeptide(L)'
;TTEDEAKKFLDKFNSKAEDLSYESSLASWDYNTNISDENVQKMDEAGAKWSAFYEEQSKLAKNYPLEEIQNDTVKRQLQI
LQQSGSPVLSEDKSKRLNSILNAMSTIYSTGKVCKPNNPQECLLLEPGLDNIMGTSKDYNERLWAWEGWRAEVGKQLRPL
YEEYVVLKNEMARGYHYEDYGDYWRRDYETEESSGPGYSRDQLMKDVDRIFTEIKPLYEHLHAYVRAKLMDTYPLHISPT
GCLPAHLLGDMWGRFWTNLYPLTVPFGQKPNIDVTDAMLNQGWDANRIFKEAEKFFVSVSLPKMTEGFWNKSMLTEPGDG
RKVVCHPTAWDLGKGDFRIKMCTKVTMEDFLTAHHEMGHIQYDMAYASQPYLLRNGANEGFHEAVGEVMSLSVATPKHLK
TMGLLSPDFREDDETEINFLLKQALNIVGTLPFTYMLEKWRWMVFKGEIPKEEWMKKWWEMKREIVGVVEPVPHDETYCD
PASLFHVANDYSFIRYYTRTIFEFQFHEALCRIAQHNGPLHKCDISNSTDAGKKLHQMLSVGKSQAWTKTLEDIVDSRNM
DVGPLLRYFKPLYTWLQEQNRKSYVGWNTDWSPYADQSIKVWISLKSALGEKAYEWNDNEMYLFRSSVAYAMREYFLKTK
NQTILFGDENVWVSNLKPRISFNFHVTSPGNVSDIIPRPEVEGAIRMSRSRINDAFRLDDNSLEFLG
;
A
2 'polypeptide(L)'
;TNLCPFGEVFNATRFASVYAWNRKRISNCVADYSVLYNSASFSTFKCYGVSPTKLNDLCFTNVYADSFVIRGDEVRQIAP
GQTGKIADYNYKLPDDFTGCVIAWNSNNLDSKVGGNYNYLYRLFRKSNLKPFERDISTEIYQAGSTPCNGVEGFNCYFPL
QSYGFQPTNGVGYQPYRVVVLSFELLHAPATVCGP
;
B
#
loop_
_chem_comp.id
_chem_comp.type
_chem_comp.name
_chem_comp.formula
ZN non-polymer 'ZINC ION' 'Zn 2'
#
# COMPACT_ATOMS: atom_id res chain seq x y z
N THR A 1 14.36 -16.46 31.98
CA THR A 1 14.71 -15.12 31.50
C THR A 1 13.59 -14.53 30.64
N THR A 2 13.59 -13.21 30.51
CA THR A 2 12.52 -12.50 29.82
C THR A 2 12.62 -12.60 28.29
N GLU A 3 13.61 -13.30 27.77
CA GLU A 3 13.66 -13.58 26.33
C GLU A 3 12.92 -14.87 26.00
N ASP A 4 13.11 -15.91 26.81
CA ASP A 4 12.36 -17.15 26.64
C ASP A 4 10.86 -16.90 26.76
N GLU A 5 10.44 -16.11 27.76
CA GLU A 5 9.03 -15.78 27.92
C GLU A 5 8.44 -15.21 26.63
N ALA A 6 9.18 -14.32 25.96
CA ALA A 6 8.71 -13.72 24.72
C ALA A 6 8.92 -14.63 23.52
N LYS A 7 9.90 -15.54 23.59
CA LYS A 7 10.10 -16.50 22.50
C LYS A 7 8.95 -17.49 22.44
N LYS A 8 8.53 -18.02 23.59
CA LYS A 8 7.39 -18.92 23.63
C LYS A 8 6.08 -18.17 23.42
N PHE A 9 6.00 -16.92 23.88
CA PHE A 9 4.81 -16.11 23.65
C PHE A 9 4.57 -15.91 22.15
N LEU A 10 5.62 -15.59 21.40
CA LEU A 10 5.49 -15.44 19.95
C LEU A 10 5.20 -16.78 19.28
N ASP A 11 5.74 -17.87 19.82
CA ASP A 11 5.45 -19.19 19.27
C ASP A 11 3.95 -19.46 19.25
N LYS A 12 3.25 -19.07 20.31
CA LYS A 12 1.82 -19.34 20.35
C LYS A 12 1.05 -18.35 19.47
N PHE A 13 1.43 -17.08 19.54
CA PHE A 13 0.83 -16.05 18.71
C PHE A 13 0.90 -16.43 17.23
N ASN A 14 2.07 -16.88 16.78
CA ASN A 14 2.23 -17.31 15.39
C ASN A 14 1.27 -18.45 15.07
N SER A 15 1.20 -19.45 15.95
CA SER A 15 0.34 -20.61 15.69
C SER A 15 -1.12 -20.22 15.56
N LYS A 16 -1.58 -19.22 16.30
CA LYS A 16 -2.97 -18.78 16.18
C LYS A 16 -3.17 -17.68 15.15
N ALA A 17 -2.23 -16.75 15.03
CA ALA A 17 -2.45 -15.61 14.16
C ALA A 17 -2.53 -16.05 12.71
N GLU A 18 -1.63 -16.94 12.29
CA GLU A 18 -1.56 -17.37 10.89
C GLU A 18 -2.93 -17.75 10.33
N ASP A 19 -3.67 -18.62 11.04
CA ASP A 19 -4.96 -19.05 10.56
C ASP A 19 -6.06 -18.02 10.86
N LEU A 20 -5.85 -17.11 11.82
CA LEU A 20 -6.87 -16.13 12.12
C LEU A 20 -6.97 -15.06 11.04
N SER A 21 -5.86 -14.73 10.40
CA SER A 21 -5.90 -13.84 9.25
C SER A 21 -6.20 -14.55 7.94
N TYR A 22 -5.76 -15.79 7.77
CA TYR A 22 -6.07 -16.54 6.56
C TYR A 22 -7.58 -16.69 6.38
N GLU A 23 -8.28 -17.09 7.45
CA GLU A 23 -9.74 -17.10 7.41
C GLU A 23 -10.30 -15.71 7.19
N SER A 24 -9.57 -14.67 7.64
CA SER A 24 -9.99 -13.30 7.39
C SER A 24 -9.70 -12.92 5.94
N SER A 25 -8.53 -13.29 5.42
CA SER A 25 -8.21 -13.01 4.02
C SER A 25 -9.14 -13.77 3.09
N LEU A 26 -9.42 -15.03 3.39
CA LEU A 26 -10.39 -15.79 2.61
C LEU A 26 -11.75 -15.10 2.61
N ALA A 27 -12.18 -14.60 3.78
CA ALA A 27 -13.50 -13.98 3.86
C ALA A 27 -13.58 -12.69 3.06
N SER A 28 -12.48 -11.94 2.97
CA SER A 28 -12.47 -10.74 2.15
C SER A 28 -12.19 -11.03 0.69
N TRP A 29 -11.58 -12.18 0.37
CA TRP A 29 -11.44 -12.57 -1.03
C TRP A 29 -12.76 -13.09 -1.59
N ASP A 30 -13.51 -13.85 -0.78
CA ASP A 30 -14.86 -14.25 -1.17
C ASP A 30 -15.73 -13.06 -1.50
N TYR A 31 -15.53 -11.93 -0.81
CA TYR A 31 -16.32 -10.74 -1.08
C TYR A 31 -15.86 -10.06 -2.37
N ASN A 32 -14.55 -9.81 -2.49
CA ASN A 32 -14.04 -9.10 -3.66
C ASN A 32 -14.25 -9.86 -4.96
N THR A 33 -14.38 -11.19 -4.90
CA THR A 33 -14.64 -11.97 -6.09
C THR A 33 -16.11 -12.33 -6.29
N ASN A 34 -16.95 -12.12 -5.28
CA ASN A 34 -18.39 -12.18 -5.46
C ASN A 34 -19.01 -11.21 -4.46
N ILE A 35 -19.37 -10.01 -4.93
CA ILE A 35 -19.96 -9.03 -4.03
C ILE A 35 -21.39 -9.44 -3.70
N SER A 36 -21.69 -9.53 -2.40
CA SER A 36 -23.01 -9.87 -1.90
C SER A 36 -23.18 -9.16 -0.57
N ASP A 37 -24.20 -9.56 0.18
CA ASP A 37 -24.35 -9.11 1.56
C ASP A 37 -23.99 -10.19 2.57
N GLU A 38 -24.11 -11.46 2.18
CA GLU A 38 -23.56 -12.55 2.98
C GLU A 38 -22.05 -12.41 3.12
N ASN A 39 -21.37 -12.04 2.03
CA ASN A 39 -19.91 -11.95 2.06
C ASN A 39 -19.44 -10.71 2.81
N VAL A 40 -20.24 -9.64 2.82
CA VAL A 40 -19.90 -8.48 3.65
C VAL A 40 -19.95 -8.87 5.12
N GLN A 41 -20.91 -9.71 5.49
CA GLN A 41 -21.01 -10.16 6.88
C GLN A 41 -19.88 -11.15 7.20
N LYS A 42 -19.73 -12.19 6.37
CA LYS A 42 -18.66 -13.15 6.57
C LYS A 42 -17.29 -12.48 6.60
N MET A 43 -17.16 -11.32 5.95
CA MET A 43 -15.93 -10.54 6.02
C MET A 43 -15.80 -9.83 7.36
N ASP A 44 -16.83 -9.07 7.75
CA ASP A 44 -16.75 -8.28 8.98
C ASP A 44 -16.60 -9.17 10.21
N GLU A 45 -17.23 -10.34 10.21
CA GLU A 45 -17.07 -11.27 11.34
C GLU A 45 -15.62 -11.70 11.50
N ALA A 46 -15.01 -12.19 10.41
CA ALA A 46 -13.62 -12.62 10.48
C ALA A 46 -12.69 -11.44 10.74
N GLY A 47 -13.04 -10.25 10.25
CA GLY A 47 -12.24 -9.08 10.55
C GLY A 47 -12.28 -8.69 12.02
N ALA A 48 -13.46 -8.77 12.63
CA ALA A 48 -13.58 -8.51 14.07
C ALA A 48 -12.87 -9.57 14.89
N LYS A 49 -13.05 -10.85 14.53
CA LYS A 49 -12.35 -11.93 15.20
C LYS A 49 -10.84 -11.75 15.13
N TRP A 50 -10.34 -11.17 14.03
CA TRP A 50 -8.91 -10.92 13.89
C TRP A 50 -8.47 -9.71 14.71
N SER A 51 -9.19 -8.60 14.58
CA SER A 51 -8.83 -7.38 15.32
C SER A 51 -8.84 -7.62 16.82
N ALA A 52 -9.90 -8.26 17.33
CA ALA A 52 -9.98 -8.55 18.76
C ALA A 52 -8.78 -9.38 19.23
N PHE A 53 -8.39 -10.38 18.44
CA PHE A 53 -7.23 -11.19 18.80
C PHE A 53 -5.95 -10.38 18.74
N TYR A 54 -5.84 -9.47 17.76
CA TYR A 54 -4.65 -8.65 17.66
C TYR A 54 -4.54 -7.65 18.82
N GLU A 55 -5.68 -7.13 19.29
CA GLU A 55 -5.68 -6.31 20.49
C GLU A 55 -5.22 -7.12 21.70
N GLU A 56 -5.80 -8.30 21.90
CA GLU A 56 -5.42 -9.18 23.00
C GLU A 56 -3.91 -9.43 23.02
N GLN A 57 -3.35 -9.75 21.85
CA GLN A 57 -1.93 -10.11 21.78
C GLN A 57 -1.02 -8.89 21.81
N SER A 58 -1.55 -7.70 21.56
CA SER A 58 -0.75 -6.49 21.72
C SER A 58 -0.69 -6.06 23.17
N LYS A 59 -1.77 -6.27 23.93
CA LYS A 59 -1.72 -6.02 25.37
C LYS A 59 -0.80 -7.01 26.05
N LEU A 60 -1.03 -8.30 25.83
CA LEU A 60 -0.22 -9.34 26.46
C LEU A 60 1.25 -9.27 26.07
N ALA A 61 1.57 -8.63 24.94
CA ALA A 61 2.95 -8.40 24.57
C ALA A 61 3.52 -7.11 25.15
N LYS A 62 2.65 -6.17 25.54
CA LYS A 62 3.12 -4.90 26.10
C LYS A 62 4.00 -5.14 27.32
N ASN A 63 3.58 -6.01 28.22
CA ASN A 63 4.39 -6.30 29.40
C ASN A 63 5.47 -7.34 29.08
N TYR A 64 6.26 -7.05 28.05
CA TYR A 64 7.47 -7.82 27.72
C TYR A 64 8.59 -6.81 27.51
N PRO A 65 9.42 -6.54 28.52
CA PRO A 65 10.37 -5.42 28.42
C PRO A 65 11.39 -5.64 27.33
N LEU A 66 11.43 -4.69 26.38
CA LEU A 66 12.38 -4.76 25.27
C LEU A 66 13.83 -4.55 25.73
N GLU A 67 14.05 -3.79 26.79
CA GLU A 67 15.42 -3.52 27.23
C GLU A 67 16.22 -4.80 27.43
N GLU A 68 15.68 -5.75 28.17
CA GLU A 68 16.39 -6.99 28.53
C GLU A 68 16.17 -8.12 27.53
N ILE A 69 16.41 -7.89 26.24
CA ILE A 69 16.28 -8.93 25.24
C ILE A 69 17.46 -8.83 24.26
N GLN A 70 18.33 -9.85 24.26
CA GLN A 70 19.60 -9.79 23.56
C GLN A 70 19.57 -10.43 22.18
N ASN A 71 18.39 -10.53 21.56
CA ASN A 71 18.27 -11.01 20.19
C ASN A 71 17.48 -9.98 19.38
N ASP A 72 17.93 -9.72 18.15
CA ASP A 72 17.37 -8.64 17.35
C ASP A 72 16.12 -9.04 16.57
N THR A 73 16.10 -10.25 16.01
CA THR A 73 14.95 -10.64 15.18
C THR A 73 13.69 -10.77 16.00
N VAL A 74 13.80 -11.31 17.22
CA VAL A 74 12.67 -11.36 18.15
C VAL A 74 12.37 -9.98 18.73
N LYS A 75 13.36 -9.07 18.72
CA LYS A 75 13.10 -7.70 19.13
C LYS A 75 12.12 -7.01 18.19
N ARG A 76 12.31 -7.18 16.89
CA ARG A 76 11.48 -6.49 15.93
C ARG A 76 10.05 -7.03 15.97
N GLN A 77 9.87 -8.32 16.24
CA GLN A 77 8.54 -8.90 16.28
C GLN A 77 7.70 -8.30 17.39
N LEU A 78 8.30 -8.12 18.57
CA LEU A 78 7.59 -7.48 19.67
C LEU A 78 7.31 -6.02 19.35
N GLN A 79 8.29 -5.32 18.78
CA GLN A 79 8.10 -3.92 18.37
C GLN A 79 6.83 -3.74 17.56
N ILE A 80 6.66 -4.52 16.48
CA ILE A 80 5.43 -4.46 15.68
C ILE A 80 4.20 -4.66 16.57
N LEU A 81 4.28 -5.62 17.49
CA LEU A 81 3.11 -5.98 18.29
C LEU A 81 2.75 -4.85 19.25
N GLN A 82 3.74 -4.30 19.94
CA GLN A 82 3.45 -3.22 20.89
C GLN A 82 3.10 -1.92 20.18
N GLN A 83 3.94 -1.51 19.21
CA GLN A 83 3.69 -0.24 18.52
C GLN A 83 2.28 -0.14 17.96
N SER A 84 1.88 -1.12 17.14
CA SER A 84 0.62 -0.96 16.43
C SER A 84 -0.57 -1.24 17.36
N GLY A 85 -1.76 -0.91 16.85
CA GLY A 85 -3.02 -1.53 17.21
C GLY A 85 -3.24 -1.88 18.66
N SER A 86 -3.00 -0.97 19.58
CA SER A 86 -3.42 -1.15 20.96
C SER A 86 -4.69 -0.36 21.22
N PRO A 87 -5.33 -0.53 22.39
CA PRO A 87 -6.19 0.54 22.90
C PRO A 87 -5.40 1.53 23.75
N VAL A 88 -5.50 2.82 23.45
CA VAL A 88 -5.01 3.81 24.39
C VAL A 88 -6.12 4.84 24.61
N LEU A 89 -7.35 4.49 24.22
CA LEU A 89 -8.42 5.46 24.14
C LEU A 89 -9.66 4.94 24.83
N SER A 90 -10.50 5.87 25.29
CA SER A 90 -11.75 5.50 25.94
C SER A 90 -12.74 4.98 24.92
N GLU A 91 -13.75 4.25 25.42
CA GLU A 91 -14.74 3.66 24.53
C GLU A 91 -15.59 4.72 23.84
N ASP A 92 -15.79 5.87 24.49
CA ASP A 92 -16.58 6.92 23.87
C ASP A 92 -15.78 7.71 22.85
N LYS A 93 -14.54 8.10 23.20
CA LYS A 93 -13.69 8.79 22.26
C LYS A 93 -13.20 7.89 21.12
N SER A 94 -13.28 6.56 21.30
CA SER A 94 -12.96 5.66 20.20
C SER A 94 -14.15 5.48 19.27
N LYS A 95 -15.34 5.23 19.84
CA LYS A 95 -16.56 5.22 19.05
C LYS A 95 -16.73 6.53 18.28
N ARG A 96 -16.50 7.66 18.96
CA ARG A 96 -16.60 8.96 18.29
C ARG A 96 -15.65 9.05 17.10
N LEU A 97 -14.45 8.47 17.23
CA LEU A 97 -13.48 8.55 16.14
C LEU A 97 -13.88 7.64 14.99
N ASN A 98 -14.40 6.44 15.29
CA ASN A 98 -14.80 5.52 14.23
C ASN A 98 -15.92 6.11 13.39
N SER A 99 -16.88 6.78 14.03
CA SER A 99 -17.95 7.44 13.28
C SER A 99 -17.41 8.52 12.37
N ILE A 100 -16.36 9.22 12.81
CA ILE A 100 -15.78 10.29 11.99
C ILE A 100 -15.12 9.71 10.75
N LEU A 101 -14.48 8.55 10.89
CA LEU A 101 -13.76 7.96 9.76
C LEU A 101 -14.72 7.41 8.71
N ASN A 102 -15.77 6.71 9.16
CA ASN A 102 -16.78 6.22 8.22
C ASN A 102 -17.49 7.38 7.53
N ALA A 103 -17.81 8.44 8.27
CA ALA A 103 -18.44 9.61 7.67
C ALA A 103 -17.58 10.21 6.57
N MET A 104 -16.27 10.35 6.83
CA MET A 104 -15.39 10.93 5.84
C MET A 104 -15.29 10.06 4.59
N SER A 105 -15.24 8.73 4.77
CA SER A 105 -15.21 7.83 3.63
C SER A 105 -16.52 7.88 2.85
N THR A 106 -17.65 7.81 3.54
CA THR A 106 -18.95 7.84 2.87
C THR A 106 -19.14 9.14 2.11
N ILE A 107 -18.84 10.28 2.75
CA ILE A 107 -19.00 11.57 2.09
C ILE A 107 -18.15 11.65 0.82
N TYR A 108 -16.90 11.19 0.90
CA TYR A 108 -16.03 11.20 -0.27
C TYR A 108 -16.55 10.26 -1.36
N SER A 109 -17.07 9.10 -0.97
CA SER A 109 -17.51 8.12 -1.96
C SER A 109 -18.84 8.51 -2.61
N THR A 110 -19.74 9.13 -1.84
CA THR A 110 -21.09 9.39 -2.31
C THR A 110 -21.34 10.85 -2.70
N GLY A 111 -20.40 11.75 -2.44
CA GLY A 111 -20.61 13.14 -2.77
C GLY A 111 -20.74 13.37 -4.27
N LYS A 112 -21.43 14.44 -4.62
CA LYS A 112 -21.64 14.77 -6.02
C LYS A 112 -21.73 16.28 -6.18
N VAL A 113 -21.49 16.75 -7.40
CA VAL A 113 -21.51 18.17 -7.74
C VAL A 113 -22.48 18.38 -8.89
N CYS A 114 -23.45 19.26 -8.70
CA CYS A 114 -24.47 19.53 -9.70
C CYS A 114 -24.03 20.68 -10.62
N LYS A 115 -24.77 20.82 -11.72
CA LYS A 115 -24.44 21.77 -12.76
C LYS A 115 -25.08 23.13 -12.48
N PRO A 116 -24.50 24.21 -13.02
CA PRO A 116 -25.04 25.55 -12.70
C PRO A 116 -26.36 25.85 -13.39
N ASN A 117 -26.54 25.40 -14.63
CA ASN A 117 -27.78 25.65 -15.36
C ASN A 117 -28.67 24.41 -15.45
N ASN A 118 -28.37 23.38 -14.66
CA ASN A 118 -29.23 22.21 -14.53
C ASN A 118 -28.92 21.53 -13.20
N PRO A 119 -29.57 21.95 -12.11
CA PRO A 119 -29.20 21.41 -10.79
C PRO A 119 -29.58 19.95 -10.59
N GLN A 120 -30.30 19.33 -11.53
CA GLN A 120 -30.63 17.91 -11.39
C GLN A 120 -29.61 17.00 -12.06
N GLU A 121 -28.63 17.56 -12.77
CA GLU A 121 -27.54 16.76 -13.33
C GLU A 121 -26.33 16.77 -12.40
N CYS A 122 -26.53 16.17 -11.22
CA CYS A 122 -25.45 16.08 -10.24
C CYS A 122 -24.53 14.91 -10.59
N LEU A 123 -23.23 15.10 -10.36
CA LEU A 123 -22.21 14.23 -10.91
C LEU A 123 -21.24 13.81 -9.81
N LEU A 124 -21.06 12.49 -9.65
CA LEU A 124 -20.16 11.96 -8.65
C LEU A 124 -18.70 12.18 -9.08
N LEU A 125 -17.79 11.86 -8.17
CA LEU A 125 -16.37 11.92 -8.49
C LEU A 125 -15.98 10.84 -9.49
N GLU A 126 -16.28 9.58 -9.16
CA GLU A 126 -16.05 8.47 -10.07
C GLU A 126 -17.38 8.02 -10.65
N PRO A 127 -17.54 7.96 -11.98
CA PRO A 127 -16.52 8.31 -12.96
C PRO A 127 -16.74 9.68 -13.59
N GLY A 128 -17.69 10.43 -13.05
CA GLY A 128 -18.11 11.68 -13.66
C GLY A 128 -17.08 12.79 -13.61
N LEU A 129 -16.60 13.12 -12.41
CA LEU A 129 -15.62 14.20 -12.29
C LEU A 129 -14.21 13.75 -12.67
N ASP A 130 -13.89 12.47 -12.44
CA ASP A 130 -12.62 11.92 -12.93
C ASP A 130 -12.47 12.13 -14.43
N ASN A 131 -13.53 11.80 -15.19
CA ASN A 131 -13.47 11.90 -16.65
C ASN A 131 -13.34 13.35 -17.10
N ILE A 132 -13.97 14.29 -16.39
CA ILE A 132 -13.92 15.69 -16.79
C ILE A 132 -12.52 16.26 -16.56
N MET A 133 -12.02 16.14 -15.33
CA MET A 133 -10.72 16.73 -15.00
C MET A 133 -9.57 16.06 -15.73
N GLY A 134 -9.79 14.88 -16.30
CA GLY A 134 -8.72 14.16 -16.97
C GLY A 134 -8.67 14.35 -18.47
N THR A 135 -9.77 14.78 -19.07
CA THR A 135 -9.86 14.89 -20.53
C THR A 135 -10.31 16.26 -21.04
N SER A 136 -10.90 17.11 -20.20
CA SER A 136 -11.43 18.38 -20.68
C SER A 136 -10.33 19.40 -20.91
N LYS A 137 -10.43 20.11 -22.02
CA LYS A 137 -9.60 21.26 -22.31
C LYS A 137 -10.36 22.57 -22.14
N ASP A 138 -11.57 22.50 -21.59
CA ASP A 138 -12.38 23.68 -21.29
C ASP A 138 -11.98 24.21 -19.92
N TYR A 139 -11.53 25.47 -19.88
CA TYR A 139 -11.13 26.09 -18.62
C TYR A 139 -12.31 26.18 -17.66
N ASN A 140 -13.39 26.83 -18.08
CA ASN A 140 -14.52 27.06 -17.19
C ASN A 140 -15.12 25.76 -16.67
N GLU A 141 -15.22 24.74 -17.53
CA GLU A 141 -15.78 23.46 -17.11
C GLU A 141 -14.94 22.83 -16.01
N ARG A 142 -13.62 22.81 -16.19
CA ARG A 142 -12.74 22.25 -15.16
C ARG A 142 -12.79 23.10 -13.90
N LEU A 143 -12.90 24.42 -14.04
CA LEU A 143 -13.01 25.29 -12.88
C LEU A 143 -14.27 24.99 -12.08
N TRP A 144 -15.39 24.76 -12.78
CA TRP A 144 -16.63 24.39 -12.09
C TRP A 144 -16.46 23.08 -11.33
N ALA A 145 -15.87 22.07 -11.98
CA ALA A 145 -15.71 20.78 -11.32
C ALA A 145 -14.68 20.85 -10.19
N TRP A 146 -13.60 21.60 -10.39
CA TRP A 146 -12.59 21.76 -9.35
C TRP A 146 -13.18 22.45 -8.12
N GLU A 147 -13.69 23.67 -8.31
CA GLU A 147 -14.28 24.41 -7.20
C GLU A 147 -15.49 23.68 -6.63
N GLY A 148 -16.33 23.12 -7.50
CA GLY A 148 -17.52 22.43 -7.03
C GLY A 148 -17.19 21.24 -6.15
N TRP A 149 -16.11 20.52 -6.47
CA TRP A 149 -15.68 19.40 -5.65
C TRP A 149 -14.97 19.85 -4.38
N ARG A 150 -14.73 21.14 -4.19
CA ARG A 150 -14.17 21.62 -2.94
C ARG A 150 -15.17 22.37 -2.08
N ALA A 151 -16.29 22.81 -2.64
CA ALA A 151 -17.33 23.48 -1.87
C ALA A 151 -18.46 22.55 -1.44
N GLU A 152 -18.82 21.58 -2.28
CA GLU A 152 -19.92 20.69 -1.92
C GLU A 152 -19.50 19.55 -1.00
N VAL A 153 -18.25 19.10 -1.09
CA VAL A 153 -17.78 17.94 -0.35
C VAL A 153 -16.67 18.30 0.62
N GLY A 154 -15.71 19.15 0.19
CA GLY A 154 -14.60 19.51 1.06
C GLY A 154 -15.04 20.23 2.31
N LYS A 155 -15.95 21.20 2.17
CA LYS A 155 -16.44 21.95 3.32
C LYS A 155 -17.09 21.03 4.35
N GLN A 156 -17.76 19.97 3.89
CA GLN A 156 -18.35 19.00 4.80
C GLN A 156 -17.30 18.28 5.66
N LEU A 157 -16.06 18.21 5.20
CA LEU A 157 -15.03 17.48 5.90
C LEU A 157 -14.24 18.34 6.88
N ARG A 158 -14.24 19.66 6.68
CA ARG A 158 -13.51 20.56 7.59
C ARG A 158 -13.87 20.37 9.06
N PRO A 159 -15.16 20.33 9.46
CA PRO A 159 -15.43 20.06 10.88
C PRO A 159 -15.07 18.65 11.29
N LEU A 160 -15.34 17.66 10.43
CA LEU A 160 -14.98 16.28 10.74
C LEU A 160 -13.46 16.11 10.84
N TYR A 161 -12.71 16.76 9.94
CA TYR A 161 -11.26 16.63 9.96
C TYR A 161 -10.66 17.31 11.17
N GLU A 162 -11.18 18.49 11.54
CA GLU A 162 -10.72 19.19 12.74
C GLU A 162 -10.83 18.29 13.96
N GLU A 163 -11.96 17.59 14.11
CA GLU A 163 -12.12 16.62 15.19
C GLU A 163 -11.27 15.38 14.99
N TYR A 164 -10.84 15.10 13.76
CA TYR A 164 -10.14 13.86 13.45
C TYR A 164 -8.67 13.92 13.84
N VAL A 165 -8.02 15.08 13.66
CA VAL A 165 -6.63 15.22 14.09
C VAL A 165 -6.54 15.29 15.61
N VAL A 166 -7.56 15.85 16.26
CA VAL A 166 -7.55 15.95 17.72
C VAL A 166 -7.55 14.54 18.34
N LEU A 167 -8.46 13.68 17.87
CA LEU A 167 -8.54 12.33 18.41
C LEU A 167 -7.37 11.45 17.96
N LYS A 168 -6.75 11.77 16.83
CA LYS A 168 -5.56 11.02 16.42
C LYS A 168 -4.35 11.41 17.25
N ASN A 169 -4.16 12.71 17.49
CA ASN A 169 -3.12 13.15 18.41
C ASN A 169 -3.33 12.56 19.79
N GLU A 170 -4.49 12.81 20.39
CA GLU A 170 -4.83 12.27 21.70
C GLU A 170 -4.57 10.78 21.79
N MET A 171 -4.75 10.06 20.69
CA MET A 171 -4.40 8.64 20.66
C MET A 171 -2.89 8.43 20.48
N ALA A 172 -2.28 9.19 19.56
CA ALA A 172 -0.86 9.01 19.30
C ALA A 172 -0.01 9.40 20.52
N ARG A 173 -0.36 10.51 21.18
CA ARG A 173 0.34 10.88 22.40
C ARG A 173 0.29 9.76 23.43
N GLY A 174 -0.82 9.01 23.46
CA GLY A 174 -0.91 7.91 24.40
C GLY A 174 -0.04 6.73 24.05
N TYR A 175 0.32 6.58 22.77
CA TYR A 175 1.32 5.60 22.38
C TYR A 175 2.74 6.09 22.63
N HIS A 176 2.89 7.26 23.25
CA HIS A 176 4.18 7.89 23.53
C HIS A 176 4.88 8.29 22.25
N TYR A 177 4.12 8.83 21.30
CA TYR A 177 4.67 9.53 20.14
C TYR A 177 4.28 11.00 20.24
N GLU A 178 5.07 11.85 19.57
CA GLU A 178 4.81 13.29 19.62
C GLU A 178 3.43 13.62 19.06
N ASP A 179 3.22 13.32 17.77
CA ASP A 179 1.97 13.61 17.09
C ASP A 179 1.41 12.37 16.41
N TYR A 180 0.34 12.54 15.63
CA TYR A 180 -0.06 11.48 14.71
C TYR A 180 0.93 11.35 13.56
N GLY A 181 1.57 12.45 13.17
CA GLY A 181 2.65 12.37 12.20
C GLY A 181 3.82 11.56 12.71
N ASP A 182 4.19 11.76 13.98
CA ASP A 182 5.23 10.96 14.61
C ASP A 182 4.88 9.47 14.54
N TYR A 183 3.61 9.14 14.77
CA TYR A 183 3.17 7.76 14.71
C TYR A 183 3.27 7.19 13.29
N TRP A 184 3.00 8.03 12.28
CA TRP A 184 3.13 7.56 10.90
C TRP A 184 4.59 7.31 10.53
N ARG A 185 5.49 8.21 10.92
CA ARG A 185 6.89 8.09 10.54
C ARG A 185 7.65 7.02 11.32
N ARG A 186 6.97 6.27 12.21
CA ARG A 186 7.64 5.20 12.93
C ARG A 186 8.05 4.05 12.01
N ASP A 187 7.43 3.93 10.83
CA ASP A 187 7.71 2.79 9.97
C ASP A 187 9.15 2.79 9.46
N TYR A 188 9.78 3.97 9.40
CA TYR A 188 11.16 4.10 8.96
C TYR A 188 12.17 4.01 10.11
N GLU A 189 11.69 3.87 11.35
CA GLU A 189 12.54 3.91 12.55
C GLU A 189 13.14 2.53 12.80
N THR A 190 14.40 2.35 12.39
CA THR A 190 15.15 1.12 12.60
C THR A 190 16.13 1.25 13.75
N GLU A 191 16.89 0.18 13.97
CA GLU A 191 17.55 -0.11 15.23
C GLU A 191 19.08 -0.23 15.11
N GLU A 192 19.67 -0.02 13.93
CA GLU A 192 20.83 -0.66 13.32
C GLU A 192 22.02 -0.80 14.25
N SER A 193 22.84 -1.80 14.01
CA SER A 193 23.96 -2.07 14.87
C SER A 193 24.98 -2.80 14.02
N SER A 194 26.23 -2.49 14.33
CA SER A 194 27.19 -2.11 13.33
C SER A 194 26.70 -0.89 12.56
N GLY A 195 26.35 0.18 13.28
CA GLY A 195 25.99 1.44 12.67
C GLY A 195 25.03 2.30 13.49
N PRO A 196 24.72 3.51 13.01
CA PRO A 196 23.76 4.38 13.69
C PRO A 196 22.33 4.20 13.19
N GLY A 197 21.38 4.28 14.13
CA GLY A 197 19.99 3.99 13.80
C GLY A 197 19.31 5.13 13.06
N TYR A 198 18.43 4.76 12.13
CA TYR A 198 17.54 5.70 11.46
C TYR A 198 16.40 6.09 12.38
N SER A 199 16.16 7.39 12.52
CA SER A 199 15.16 7.90 13.45
C SER A 199 13.99 8.50 12.69
N ARG A 200 12.90 8.76 13.42
CA ARG A 200 11.69 9.27 12.79
C ARG A 200 11.87 10.69 12.29
N ASP A 201 12.68 11.50 12.98
CA ASP A 201 12.96 12.85 12.52
C ASP A 201 14.00 12.88 11.40
N GLN A 202 14.75 11.81 11.22
CA GLN A 202 15.70 11.75 10.11
C GLN A 202 14.97 11.58 8.78
N LEU A 203 13.79 10.96 8.80
CA LEU A 203 13.00 10.86 7.57
C LEU A 203 12.59 12.23 7.06
N MET A 204 12.22 13.13 7.98
CA MET A 204 11.84 14.48 7.57
C MET A 204 13.03 15.22 6.96
N LYS A 205 14.22 15.04 7.54
CA LYS A 205 15.39 15.76 7.05
C LYS A 205 15.83 15.23 5.70
N ASP A 206 15.77 13.90 5.51
CA ASP A 206 16.13 13.33 4.22
C ASP A 206 15.12 13.68 3.13
N VAL A 207 13.86 13.89 3.53
CA VAL A 207 12.82 14.16 2.54
C VAL A 207 12.88 15.62 2.07
N ASP A 208 13.16 16.55 2.99
CA ASP A 208 13.41 17.94 2.59
C ASP A 208 14.58 18.01 1.62
N ARG A 209 15.69 17.34 1.95
CA ARG A 209 16.87 17.35 1.10
C ARG A 209 16.56 16.83 -0.30
N ILE A 210 15.90 15.67 -0.38
CA ILE A 210 15.62 15.05 -1.68
C ILE A 210 14.78 15.96 -2.55
N PHE A 211 13.85 16.70 -1.95
CA PHE A 211 13.05 17.65 -2.73
C PHE A 211 13.92 18.75 -3.31
N THR A 212 14.84 19.28 -2.51
CA THR A 212 15.72 20.35 -3.00
C THR A 212 16.60 19.88 -4.15
N GLU A 213 16.92 18.59 -4.19
CA GLU A 213 17.66 18.02 -5.32
C GLU A 213 16.76 17.71 -6.51
N ILE A 214 15.44 17.71 -6.32
CA ILE A 214 14.49 17.42 -7.39
C ILE A 214 14.02 18.75 -7.98
N LYS A 215 14.02 19.80 -7.15
CA LYS A 215 13.60 21.15 -7.56
C LYS A 215 14.18 21.60 -8.90
N PRO A 216 15.48 21.41 -9.21
CA PRO A 216 15.96 21.78 -10.55
C PRO A 216 15.22 21.08 -11.68
N LEU A 217 15.18 19.75 -11.65
CA LEU A 217 14.51 19.00 -12.70
C LEU A 217 13.01 19.31 -12.75
N TYR A 218 12.41 19.58 -11.58
CA TYR A 218 10.99 19.92 -11.56
C TYR A 218 10.75 21.32 -12.12
N GLU A 219 11.56 22.29 -11.71
CA GLU A 219 11.41 23.66 -12.18
C GLU A 219 11.43 23.75 -13.69
N HIS A 220 12.25 22.92 -14.35
CA HIS A 220 12.32 22.94 -15.80
C HIS A 220 11.12 22.22 -16.42
N LEU A 221 10.71 21.10 -15.84
CA LEU A 221 9.48 20.45 -16.30
C LEU A 221 8.27 21.32 -16.03
N HIS A 222 8.23 21.97 -14.85
CA HIS A 222 7.15 22.89 -14.56
C HIS A 222 7.14 24.08 -15.52
N ALA A 223 8.33 24.53 -15.93
CA ALA A 223 8.41 25.66 -16.86
C ALA A 223 8.01 25.26 -18.28
N TYR A 224 8.42 24.07 -18.71
CA TYR A 224 8.09 23.62 -20.06
C TYR A 224 6.59 23.37 -20.20
N VAL A 225 5.99 22.70 -19.21
CA VAL A 225 4.55 22.46 -19.24
C VAL A 225 3.78 23.77 -19.24
N ARG A 226 4.25 24.74 -18.43
CA ARG A 226 3.60 26.05 -18.39
C ARG A 226 3.61 26.71 -19.77
N ALA A 227 4.75 26.66 -20.45
CA ALA A 227 4.84 27.26 -21.78
C ALA A 227 3.94 26.55 -22.78
N LYS A 228 3.80 25.22 -22.65
CA LYS A 228 2.95 24.47 -23.56
C LYS A 228 1.47 24.73 -23.28
N LEU A 229 1.07 24.71 -22.01
CA LEU A 229 -0.31 24.99 -21.65
C LEU A 229 -0.74 26.40 -22.07
N MET A 230 0.21 27.30 -22.29
CA MET A 230 -0.12 28.65 -22.74
C MET A 230 -0.75 28.64 -24.12
N ASP A 231 -0.41 27.65 -24.94
CA ASP A 231 -0.97 27.57 -26.29
C ASP A 231 -2.48 27.28 -26.25
N THR A 232 -2.93 26.49 -25.30
CA THR A 232 -4.33 26.10 -25.21
C THR A 232 -5.13 26.93 -24.20
N TYR A 233 -4.46 27.66 -23.32
CA TYR A 233 -5.11 28.60 -22.40
C TYR A 233 -4.37 29.94 -22.48
N PRO A 234 -4.52 30.66 -23.59
CA PRO A 234 -3.68 31.85 -23.81
C PRO A 234 -3.83 32.93 -22.76
N LEU A 235 -5.05 33.21 -22.32
CA LEU A 235 -5.33 34.36 -21.45
C LEU A 235 -5.62 33.97 -20.01
N HIS A 236 -5.22 32.76 -19.61
CA HIS A 236 -5.44 32.30 -18.24
C HIS A 236 -4.18 31.91 -17.50
N ILE A 237 -3.06 31.74 -18.20
CA ILE A 237 -1.79 31.33 -17.58
C ILE A 237 -0.78 32.44 -17.80
N SER A 238 -0.26 32.97 -16.70
CA SER A 238 0.82 33.95 -16.78
C SER A 238 2.15 33.25 -17.00
N PRO A 239 2.97 33.70 -17.95
CA PRO A 239 4.20 32.96 -18.28
C PRO A 239 5.24 32.94 -17.18
N THR A 240 5.04 33.67 -16.07
CA THR A 240 6.00 33.69 -14.98
C THR A 240 5.38 33.34 -13.63
N GLY A 241 4.06 33.23 -13.53
CA GLY A 241 3.41 32.89 -12.29
C GLY A 241 3.24 31.40 -12.11
N CYS A 242 2.39 31.03 -11.16
CA CYS A 242 2.12 29.64 -10.85
C CYS A 242 1.13 29.05 -11.85
N LEU A 243 0.82 27.76 -11.68
CA LEU A 243 -0.09 27.04 -12.57
C LEU A 243 -1.45 26.91 -11.92
N PRO A 244 -2.54 27.23 -12.64
CA PRO A 244 -3.88 27.04 -12.07
C PRO A 244 -4.09 25.59 -11.66
N ALA A 245 -4.54 25.40 -10.42
CA ALA A 245 -4.63 24.08 -9.80
C ALA A 245 -5.66 23.16 -10.44
N HIS A 246 -6.44 23.64 -11.41
CA HIS A 246 -7.48 22.83 -12.03
C HIS A 246 -7.14 22.44 -13.47
N LEU A 247 -5.90 22.66 -13.90
CA LEU A 247 -5.48 22.36 -15.26
C LEU A 247 -4.36 21.34 -15.31
N LEU A 248 -4.19 20.55 -14.25
CA LEU A 248 -3.04 19.65 -14.12
C LEU A 248 -3.37 18.20 -14.50
N GLY A 249 -4.52 17.96 -15.14
CA GLY A 249 -4.85 16.64 -15.65
C GLY A 249 -5.73 15.80 -14.76
N ASP A 250 -6.02 16.25 -13.53
CA ASP A 250 -7.01 15.58 -12.69
C ASP A 250 -7.52 16.59 -11.66
N MET A 251 -8.29 16.09 -10.69
CA MET A 251 -8.96 16.98 -9.74
C MET A 251 -7.96 17.73 -8.86
N TRP A 252 -6.88 17.06 -8.44
CA TRP A 252 -5.95 17.66 -7.49
C TRP A 252 -4.62 18.06 -8.11
N GLY A 253 -4.23 17.48 -9.23
CA GLY A 253 -2.88 17.64 -9.74
C GLY A 253 -1.90 16.63 -9.22
N ARG A 254 -2.38 15.47 -8.77
CA ARG A 254 -1.48 14.44 -8.24
C ARG A 254 -0.53 13.95 -9.33
N PHE A 255 -1.04 13.75 -10.54
CA PHE A 255 -0.20 13.41 -11.68
C PHE A 255 -0.52 14.35 -12.83
N TRP A 256 0.45 14.49 -13.73
CA TRP A 256 0.30 15.31 -14.93
C TRP A 256 0.21 14.44 -16.18
N THR A 257 -0.02 13.14 -16.03
CA THR A 257 -0.08 12.22 -17.16
C THR A 257 -1.08 12.69 -18.22
N ASN A 258 -2.25 13.15 -17.78
CA ASN A 258 -3.30 13.56 -18.72
C ASN A 258 -2.99 14.89 -19.40
N LEU A 259 -1.81 15.47 -19.18
CA LEU A 259 -1.36 16.66 -19.90
C LEU A 259 -0.47 16.32 -21.09
N TYR A 260 -0.22 15.05 -21.34
CA TYR A 260 0.64 14.67 -22.46
C TYR A 260 0.13 15.12 -23.82
N PRO A 261 -1.16 15.00 -24.15
CA PRO A 261 -1.61 15.51 -25.46
C PRO A 261 -1.39 17.01 -25.64
N LEU A 262 -1.25 17.76 -24.55
CA LEU A 262 -0.99 19.20 -24.62
C LEU A 262 0.48 19.55 -24.44
N THR A 263 1.32 18.58 -24.05
CA THR A 263 2.73 18.83 -23.78
C THR A 263 3.65 17.88 -24.52
N VAL A 264 3.13 17.07 -25.43
CA VAL A 264 3.93 16.08 -26.15
C VAL A 264 5.05 16.78 -26.91
N PRO A 265 6.31 16.41 -26.67
CA PRO A 265 7.43 17.05 -27.39
C PRO A 265 7.30 16.97 -28.91
N PHE A 266 7.00 15.79 -29.46
CA PHE A 266 6.88 15.60 -30.90
C PHE A 266 5.60 14.80 -31.14
N GLY A 267 4.50 15.53 -31.35
CA GLY A 267 3.20 14.89 -31.54
C GLY A 267 3.12 14.02 -32.77
N GLN A 268 3.81 14.41 -33.85
CA GLN A 268 3.73 13.68 -35.11
C GLN A 268 4.14 12.21 -34.94
N LYS A 269 5.05 11.92 -34.01
CA LYS A 269 5.41 10.54 -33.69
C LYS A 269 4.62 10.06 -32.49
N PRO A 270 3.81 9.02 -32.64
CA PRO A 270 3.08 8.48 -31.49
C PRO A 270 3.99 7.70 -30.57
N ASN A 271 3.49 7.49 -29.35
CA ASN A 271 4.17 6.61 -28.41
C ASN A 271 3.83 5.16 -28.72
N ILE A 272 4.72 4.27 -28.28
CA ILE A 272 4.57 2.85 -28.56
C ILE A 272 3.34 2.32 -27.83
N ASP A 273 2.38 1.78 -28.58
CA ASP A 273 1.22 1.12 -28.02
C ASP A 273 1.17 -0.28 -28.62
N VAL A 274 1.33 -1.29 -27.76
CA VAL A 274 1.42 -2.67 -28.22
C VAL A 274 0.05 -3.28 -28.47
N THR A 275 -1.00 -2.72 -27.88
CA THR A 275 -2.34 -3.31 -27.83
C THR A 275 -2.80 -3.93 -29.14
N ASP A 276 -2.59 -3.25 -30.26
CA ASP A 276 -3.04 -3.77 -31.54
C ASP A 276 -2.31 -5.06 -31.91
N ALA A 277 -1.01 -5.13 -31.64
CA ALA A 277 -0.26 -6.34 -31.93
C ALA A 277 -0.71 -7.50 -31.05
N MET A 278 -0.95 -7.24 -29.77
CA MET A 278 -1.47 -8.27 -28.88
C MET A 278 -2.80 -8.84 -29.39
N LEU A 279 -3.69 -7.96 -29.83
CA LEU A 279 -4.99 -8.40 -30.33
C LEU A 279 -4.84 -9.22 -31.61
N ASN A 280 -4.17 -8.65 -32.62
CA ASN A 280 -4.03 -9.34 -33.90
C ASN A 280 -3.37 -10.71 -33.74
N GLN A 281 -2.43 -10.82 -32.80
CA GLN A 281 -1.79 -12.09 -32.52
C GLN A 281 -2.64 -13.01 -31.65
N GLY A 282 -3.79 -12.53 -31.17
CA GLY A 282 -4.70 -13.38 -30.43
C GLY A 282 -4.34 -13.60 -28.97
N TRP A 283 -3.71 -12.61 -28.33
CA TRP A 283 -3.35 -12.78 -26.93
C TRP A 283 -4.59 -12.78 -26.04
N ASP A 284 -4.48 -13.49 -24.92
CA ASP A 284 -5.53 -13.50 -23.91
C ASP A 284 -4.95 -13.15 -22.54
N ALA A 285 -5.77 -13.27 -21.50
CA ALA A 285 -5.27 -13.03 -20.14
C ALA A 285 -4.13 -13.98 -19.81
N ASN A 286 -4.32 -15.28 -20.06
CA ASN A 286 -3.31 -16.27 -19.71
C ASN A 286 -1.96 -15.96 -20.36
N ARG A 287 -1.98 -15.56 -21.64
CA ARG A 287 -0.73 -15.27 -22.33
C ARG A 287 0.02 -14.12 -21.67
N ILE A 288 -0.69 -13.14 -21.13
CA ILE A 288 -0.03 -12.01 -20.49
C ILE A 288 0.69 -12.45 -19.22
N PHE A 289 0.00 -13.21 -18.37
CA PHE A 289 0.59 -13.60 -17.09
C PHE A 289 1.65 -14.68 -17.26
N LYS A 290 1.45 -15.60 -18.20
CA LYS A 290 2.50 -16.57 -18.51
C LYS A 290 3.76 -15.88 -19.02
N GLU A 291 3.60 -14.80 -19.79
CA GLU A 291 4.76 -14.05 -20.26
C GLU A 291 5.41 -13.26 -19.12
N ALA A 292 4.62 -12.85 -18.13
CA ALA A 292 5.20 -12.25 -16.93
C ALA A 292 5.88 -13.31 -16.08
N GLU A 293 5.24 -14.47 -15.92
CA GLU A 293 5.87 -15.58 -15.21
C GLU A 293 7.15 -16.02 -15.91
N LYS A 294 7.13 -16.07 -17.25
CA LYS A 294 8.34 -16.39 -18.00
C LYS A 294 9.42 -15.34 -17.78
N PHE A 295 9.03 -14.07 -17.62
CA PHE A 295 10.01 -13.02 -17.39
C PHE A 295 10.69 -13.19 -16.03
N PHE A 296 9.91 -13.40 -14.97
CA PHE A 296 10.48 -13.53 -13.64
C PHE A 296 11.39 -14.75 -13.56
N VAL A 297 10.93 -15.90 -14.05
CA VAL A 297 11.76 -17.10 -14.05
C VAL A 297 13.00 -16.93 -14.94
N SER A 298 12.94 -16.02 -15.92
CA SER A 298 14.11 -15.68 -16.71
C SER A 298 15.14 -14.91 -15.89
N VAL A 299 14.74 -14.37 -14.75
CA VAL A 299 15.61 -13.64 -13.86
C VAL A 299 16.01 -14.52 -12.67
N SER A 300 15.90 -15.84 -12.82
CA SER A 300 16.22 -16.84 -11.82
C SER A 300 15.27 -16.80 -10.63
N LEU A 301 14.08 -16.26 -10.80
CA LEU A 301 13.05 -16.27 -9.76
C LEU A 301 12.18 -17.51 -9.92
N PRO A 302 11.37 -17.84 -8.91
CA PRO A 302 10.48 -19.00 -9.03
C PRO A 302 9.26 -18.70 -9.89
N LYS A 303 8.80 -19.74 -10.59
CA LYS A 303 7.54 -19.66 -11.30
C LYS A 303 6.38 -19.70 -10.30
N MET A 304 5.21 -19.28 -10.77
CA MET A 304 4.04 -19.26 -9.89
C MET A 304 3.65 -20.67 -9.47
N THR A 305 2.82 -20.74 -8.45
CA THR A 305 2.29 -22.00 -7.94
C THR A 305 0.91 -22.25 -8.52
N GLU A 306 0.61 -23.52 -8.78
CA GLU A 306 -0.70 -23.86 -9.35
C GLU A 306 -1.85 -23.48 -8.42
N GLY A 307 -1.56 -23.17 -7.16
CA GLY A 307 -2.58 -22.53 -6.33
C GLY A 307 -2.89 -21.12 -6.77
N PHE A 308 -1.88 -20.42 -7.30
CA PHE A 308 -2.11 -19.08 -7.84
C PHE A 308 -2.95 -19.13 -9.11
N TRP A 309 -2.66 -20.08 -10.00
CA TRP A 309 -3.38 -20.17 -11.27
C TRP A 309 -4.81 -20.63 -11.06
N ASN A 310 -5.01 -21.64 -10.21
CA ASN A 310 -6.32 -22.28 -10.07
C ASN A 310 -7.28 -21.50 -9.17
N LYS A 311 -6.82 -20.48 -8.46
CA LYS A 311 -7.64 -19.80 -7.47
C LYS A 311 -7.71 -18.28 -7.65
N SER A 312 -6.83 -17.67 -8.43
CA SER A 312 -6.88 -16.23 -8.63
C SER A 312 -7.94 -15.86 -9.67
N MET A 313 -8.23 -14.57 -9.76
CA MET A 313 -9.24 -14.03 -10.67
C MET A 313 -8.54 -13.10 -11.66
N LEU A 314 -8.17 -13.65 -12.83
CA LEU A 314 -7.46 -12.88 -13.83
C LEU A 314 -8.36 -12.05 -14.74
N THR A 315 -9.67 -12.33 -14.76
CA THR A 315 -10.60 -11.68 -15.68
C THR A 315 -11.92 -11.44 -14.98
N GLU A 316 -12.70 -10.49 -15.53
CA GLU A 316 -14.06 -10.34 -15.02
C GLU A 316 -14.90 -11.53 -15.45
N PRO A 317 -15.75 -12.07 -14.56
CA PRO A 317 -16.41 -13.34 -14.84
C PRO A 317 -17.74 -13.27 -15.60
N GLY A 318 -18.28 -14.49 -15.80
CA GLY A 318 -19.62 -14.72 -16.28
C GLY A 318 -20.62 -14.95 -15.14
N ASP A 319 -21.91 -14.86 -15.47
CA ASP A 319 -23.00 -14.98 -14.49
C ASP A 319 -22.92 -13.92 -13.40
N GLY A 320 -23.00 -12.66 -13.84
CA GLY A 320 -23.37 -11.54 -13.01
C GLY A 320 -22.78 -11.55 -11.63
N ARG A 321 -21.45 -11.59 -11.58
CA ARG A 321 -20.70 -11.52 -10.35
C ARG A 321 -20.23 -10.09 -10.21
N LYS A 322 -20.68 -9.41 -9.16
CA LYS A 322 -20.18 -8.06 -8.94
C LYS A 322 -18.85 -8.21 -8.23
N VAL A 323 -17.81 -7.63 -8.81
CA VAL A 323 -16.46 -7.80 -8.33
C VAL A 323 -15.80 -6.44 -8.27
N VAL A 324 -15.27 -6.10 -7.10
CA VAL A 324 -14.33 -4.98 -7.06
C VAL A 324 -13.05 -5.49 -7.69
N CYS A 325 -12.76 -5.04 -8.92
CA CYS A 325 -11.55 -5.47 -9.60
C CYS A 325 -10.80 -4.22 -10.05
N HIS A 326 -9.95 -3.75 -9.13
CA HIS A 326 -8.89 -2.80 -9.36
C HIS A 326 -7.61 -3.47 -8.89
N PRO A 327 -6.59 -3.55 -9.73
CA PRO A 327 -5.54 -4.57 -9.56
C PRO A 327 -4.94 -4.62 -8.16
N THR A 328 -4.99 -5.81 -7.55
CA THR A 328 -4.41 -6.06 -6.25
C THR A 328 -3.72 -7.42 -6.26
N ALA A 329 -2.74 -7.57 -5.39
CA ALA A 329 -1.96 -8.80 -5.26
C ALA A 329 -2.11 -9.32 -3.83
N TRP A 330 -2.86 -10.40 -3.66
CA TRP A 330 -3.24 -10.88 -2.34
C TRP A 330 -2.24 -11.94 -1.87
N ASP A 331 -1.60 -11.67 -0.72
CA ASP A 331 -0.91 -12.71 0.04
C ASP A 331 -1.85 -13.12 1.18
N LEU A 332 -2.79 -14.02 0.84
CA LEU A 332 -3.77 -14.46 1.83
C LEU A 332 -3.10 -15.12 3.04
N GLY A 333 -1.96 -15.77 2.83
CA GLY A 333 -1.28 -16.50 3.86
C GLY A 333 -1.24 -17.99 3.56
N LYS A 334 -0.49 -18.70 4.40
CA LYS A 334 -0.35 -20.16 4.29
C LYS A 334 0.08 -20.57 2.88
N GLY A 335 0.97 -19.78 2.28
CA GLY A 335 1.42 -20.05 0.93
C GLY A 335 0.37 -19.92 -0.14
N ASP A 336 -0.74 -19.22 0.14
CA ASP A 336 -1.81 -19.01 -0.83
C ASP A 336 -1.67 -17.61 -1.40
N PHE A 337 -1.18 -17.52 -2.64
CA PHE A 337 -0.98 -16.25 -3.32
C PHE A 337 -1.95 -16.16 -4.49
N ARG A 338 -2.62 -15.02 -4.63
CA ARG A 338 -3.59 -14.81 -5.70
C ARG A 338 -3.47 -13.38 -6.22
N ILE A 339 -4.03 -13.16 -7.40
CA ILE A 339 -4.11 -11.84 -8.01
C ILE A 339 -5.54 -11.62 -8.48
N LYS A 340 -6.14 -10.50 -8.06
CA LYS A 340 -7.48 -10.10 -8.49
C LYS A 340 -7.35 -8.89 -9.40
N MET A 341 -7.72 -9.05 -10.66
CA MET A 341 -7.54 -7.98 -11.64
C MET A 341 -8.41 -8.26 -12.86
N CYS A 342 -9.21 -7.27 -13.26
CA CYS A 342 -10.00 -7.36 -14.49
C CYS A 342 -9.12 -7.04 -15.69
N THR A 343 -8.16 -7.92 -15.94
CA THR A 343 -7.19 -7.68 -17.01
C THR A 343 -7.90 -7.69 -18.37
N LYS A 344 -7.45 -6.79 -19.23
CA LYS A 344 -7.86 -6.73 -20.62
C LYS A 344 -6.61 -6.83 -21.48
N VAL A 345 -6.79 -7.08 -22.77
CA VAL A 345 -5.65 -7.26 -23.66
C VAL A 345 -5.27 -5.86 -24.14
N THR A 346 -4.41 -5.21 -23.36
CA THR A 346 -3.87 -3.90 -23.63
C THR A 346 -2.41 -3.88 -23.20
N MET A 347 -1.72 -2.78 -23.47
CA MET A 347 -0.36 -2.64 -22.97
C MET A 347 -0.36 -2.13 -21.52
N GLU A 348 -1.31 -1.27 -21.18
CA GLU A 348 -1.42 -0.79 -19.79
C GLU A 348 -1.60 -1.95 -18.83
N ASP A 349 -2.57 -2.83 -19.10
CA ASP A 349 -2.77 -4.01 -18.25
C ASP A 349 -1.67 -5.03 -18.39
N PHE A 350 -0.87 -4.93 -19.47
CA PHE A 350 0.29 -5.81 -19.61
C PHE A 350 1.38 -5.44 -18.61
N LEU A 351 1.66 -4.13 -18.49
CA LEU A 351 2.62 -3.67 -17.49
C LEU A 351 2.10 -3.89 -16.08
N THR A 352 0.82 -3.61 -15.85
CA THR A 352 0.23 -3.79 -14.53
C THR A 352 0.34 -5.24 -14.06
N ALA A 353 0.18 -6.18 -15.00
CA ALA A 353 0.32 -7.59 -14.65
C ALA A 353 1.72 -7.90 -14.12
N HIS A 354 2.75 -7.36 -14.77
CA HIS A 354 4.11 -7.52 -14.27
C HIS A 354 4.30 -6.83 -12.93
N HIS A 355 3.54 -5.76 -12.68
CA HIS A 355 3.61 -5.06 -11.40
C HIS A 355 2.98 -5.91 -10.29
N GLU A 356 1.80 -6.48 -10.57
CA GLU A 356 1.13 -7.31 -9.57
C GLU A 356 1.94 -8.55 -9.25
N MET A 357 2.40 -9.28 -10.28
CA MET A 357 3.24 -10.44 -10.02
C MET A 357 4.54 -10.05 -9.33
N GLY A 358 5.01 -8.83 -9.55
CA GLY A 358 6.12 -8.30 -8.77
C GLY A 358 5.82 -8.26 -7.29
N HIS A 359 4.56 -7.98 -6.93
CA HIS A 359 4.16 -8.00 -5.53
C HIS A 359 4.13 -9.43 -5.01
N ILE A 360 3.62 -10.36 -5.82
CA ILE A 360 3.54 -11.77 -5.42
C ILE A 360 4.94 -12.34 -5.24
N GLN A 361 5.88 -11.96 -6.12
CA GLN A 361 7.24 -12.44 -6.00
C GLN A 361 7.87 -11.97 -4.69
N TYR A 362 7.64 -10.71 -4.32
CA TYR A 362 8.06 -10.22 -3.00
C TYR A 362 7.39 -11.04 -1.89
N ASP A 363 6.10 -11.33 -2.04
CA ASP A 363 5.36 -12.05 -1.01
C ASP A 363 5.90 -13.48 -0.83
N MET A 364 6.26 -14.13 -1.94
CA MET A 364 6.74 -15.51 -1.85
C MET A 364 8.10 -15.60 -1.17
N ALA A 365 8.96 -14.61 -1.41
CA ALA A 365 10.32 -14.67 -0.89
C ALA A 365 10.34 -14.64 0.63
N TYR A 366 9.70 -13.65 1.24
CA TYR A 366 9.71 -13.52 2.70
C TYR A 366 8.64 -14.37 3.38
N ALA A 367 8.05 -15.33 2.67
CA ALA A 367 7.08 -16.23 3.30
C ALA A 367 7.74 -17.12 4.37
N SER A 368 9.05 -17.32 4.28
CA SER A 368 9.77 -18.12 5.27
C SER A 368 9.97 -17.39 6.59
N GLN A 369 9.64 -16.09 6.64
CA GLN A 369 9.81 -15.30 7.84
C GLN A 369 8.60 -15.45 8.77
N PRO A 370 8.76 -15.14 10.06
CA PRO A 370 7.61 -15.17 10.96
C PRO A 370 6.57 -14.14 10.56
N TYR A 371 5.31 -14.43 10.92
CA TYR A 371 4.16 -13.67 10.44
C TYR A 371 4.37 -12.16 10.53
N LEU A 372 4.93 -11.70 11.65
CA LEU A 372 5.08 -10.26 11.85
C LEU A 372 6.16 -9.64 10.98
N LEU A 373 7.04 -10.46 10.39
CA LEU A 373 8.11 -9.96 9.54
C LEU A 373 7.85 -10.24 8.06
N ARG A 374 6.65 -10.69 7.70
CA ARG A 374 6.30 -10.97 6.31
C ARG A 374 5.74 -9.70 5.69
N ASN A 375 6.64 -8.79 5.33
CA ASN A 375 6.27 -7.50 4.75
C ASN A 375 7.53 -6.85 4.20
N GLY A 376 7.34 -5.87 3.32
CA GLY A 376 8.46 -5.10 2.80
C GLY A 376 9.26 -4.44 3.92
N ALA A 377 10.50 -4.09 3.57
CA ALA A 377 11.41 -3.49 4.56
C ALA A 377 10.79 -2.24 5.18
N ASN A 378 10.38 -1.29 4.34
CA ASN A 378 9.56 -0.16 4.78
C ASN A 378 8.36 -0.04 3.87
N GLU A 379 7.52 0.96 4.12
CA GLU A 379 6.26 1.11 3.40
C GLU A 379 6.45 1.50 1.94
N GLY A 380 7.68 1.77 1.49
CA GLY A 380 7.94 2.09 0.11
C GLY A 380 8.54 1.00 -0.73
N PHE A 381 8.86 -0.16 -0.13
CA PHE A 381 9.56 -1.20 -0.86
C PHE A 381 8.66 -1.97 -1.81
N HIS A 382 7.42 -2.26 -1.39
CA HIS A 382 6.54 -3.11 -2.18
C HIS A 382 6.19 -2.45 -3.52
N GLU A 383 5.59 -1.27 -3.47
CA GLU A 383 5.18 -0.57 -4.67
C GLU A 383 6.34 -0.08 -5.52
N ALA A 384 7.58 -0.20 -5.02
CA ALA A 384 8.75 0.09 -5.84
C ALA A 384 9.28 -1.16 -6.53
N VAL A 385 9.36 -2.28 -5.82
CA VAL A 385 9.61 -3.57 -6.46
C VAL A 385 8.60 -3.85 -7.56
N GLY A 386 7.35 -3.41 -7.37
CA GLY A 386 6.35 -3.57 -8.41
C GLY A 386 6.70 -2.78 -9.66
N GLU A 387 7.09 -1.52 -9.50
CA GLU A 387 7.28 -0.63 -10.64
C GLU A 387 8.62 -0.82 -11.34
N VAL A 388 9.62 -1.39 -10.68
CA VAL A 388 10.90 -1.63 -11.34
C VAL A 388 10.73 -2.67 -12.44
N MET A 389 9.92 -3.71 -12.18
CA MET A 389 9.62 -4.69 -13.21
C MET A 389 8.90 -4.05 -14.39
N SER A 390 7.93 -3.17 -14.10
CA SER A 390 7.23 -2.48 -15.17
C SER A 390 8.16 -1.62 -16.01
N LEU A 391 9.24 -1.10 -15.41
CA LEU A 391 10.20 -0.30 -16.16
C LEU A 391 10.88 -1.12 -17.25
N SER A 392 11.51 -2.23 -16.86
CA SER A 392 12.32 -2.99 -17.80
C SER A 392 11.47 -3.67 -18.88
N VAL A 393 10.21 -3.96 -18.58
CA VAL A 393 9.39 -4.69 -19.55
C VAL A 393 8.82 -3.74 -20.61
N ALA A 394 8.53 -2.50 -20.26
CA ALA A 394 7.95 -1.54 -21.20
C ALA A 394 8.94 -1.06 -22.25
N THR A 395 10.16 -1.58 -22.27
CA THR A 395 11.19 -1.10 -23.18
C THR A 395 11.02 -1.70 -24.58
N PRO A 396 11.36 -0.94 -25.62
CA PRO A 396 11.27 -1.49 -26.99
C PRO A 396 12.09 -2.76 -27.18
N LYS A 397 13.23 -2.89 -26.49
CA LYS A 397 14.03 -4.10 -26.59
C LYS A 397 13.24 -5.33 -26.16
N HIS A 398 12.58 -5.24 -25.00
CA HIS A 398 11.83 -6.38 -24.49
C HIS A 398 10.70 -6.76 -25.43
N LEU A 399 9.90 -5.77 -25.85
CA LEU A 399 8.82 -6.04 -26.79
C LEU A 399 9.34 -6.59 -28.10
N LYS A 400 10.54 -6.17 -28.52
CA LYS A 400 11.13 -6.67 -29.76
C LYS A 400 11.29 -8.19 -29.71
N THR A 401 12.05 -8.70 -28.74
CA THR A 401 12.10 -10.14 -28.57
C THR A 401 10.91 -10.61 -27.72
N MET A 402 9.71 -10.26 -28.14
CA MET A 402 8.49 -10.90 -27.67
C MET A 402 7.54 -11.22 -28.81
N GLY A 403 7.76 -10.66 -29.99
CA GLY A 403 6.86 -10.78 -31.11
C GLY A 403 5.82 -9.68 -31.18
N LEU A 404 5.96 -8.63 -30.37
CA LEU A 404 5.04 -7.51 -30.36
C LEU A 404 5.59 -6.28 -31.05
N LEU A 405 6.80 -6.37 -31.59
CA LEU A 405 7.46 -5.27 -32.28
C LEU A 405 8.25 -5.83 -33.45
N SER A 406 8.16 -5.16 -34.59
CA SER A 406 8.88 -5.62 -35.76
C SER A 406 10.39 -5.56 -35.50
N PRO A 407 11.14 -6.57 -35.94
CA PRO A 407 12.61 -6.47 -35.83
C PRO A 407 13.18 -5.30 -36.59
N ASP A 408 12.45 -4.76 -37.56
CA ASP A 408 12.87 -3.59 -38.32
C ASP A 408 12.42 -2.29 -37.67
N PHE A 409 12.07 -2.31 -36.38
CA PHE A 409 11.62 -1.10 -35.70
C PHE A 409 12.83 -0.35 -35.15
N ARG A 410 12.83 0.96 -35.33
CA ARG A 410 13.92 1.82 -34.91
C ARG A 410 13.54 2.62 -33.66
N GLU A 411 14.56 2.95 -32.87
CA GLU A 411 14.41 3.77 -31.67
C GLU A 411 15.22 5.05 -31.87
N ASP A 412 14.54 6.12 -32.32
CA ASP A 412 15.22 7.39 -32.51
C ASP A 412 15.04 8.28 -31.29
N ASP A 413 15.88 9.30 -31.18
CA ASP A 413 15.90 10.13 -29.99
C ASP A 413 14.67 11.02 -29.84
N GLU A 414 13.92 11.24 -30.93
CA GLU A 414 12.72 12.05 -30.81
C GLU A 414 11.67 11.36 -29.94
N THR A 415 11.48 10.05 -30.14
CA THR A 415 10.53 9.29 -29.33
C THR A 415 11.05 9.06 -27.91
N GLU A 416 12.36 8.90 -27.74
CA GLU A 416 12.91 8.76 -26.40
C GLU A 416 12.52 9.94 -25.53
N ILE A 417 12.59 11.16 -26.08
CA ILE A 417 12.17 12.33 -25.33
C ILE A 417 10.66 12.27 -25.05
N ASN A 418 9.89 11.78 -26.02
CA ASN A 418 8.46 11.58 -25.79
C ASN A 418 8.21 10.64 -24.62
N PHE A 419 8.92 9.51 -24.60
CA PHE A 419 8.75 8.54 -23.51
C PHE A 419 9.22 9.12 -22.18
N LEU A 420 10.39 9.75 -22.16
CA LEU A 420 10.93 10.34 -20.94
C LEU A 420 9.95 11.35 -20.33
N LEU A 421 9.28 12.14 -21.18
CA LEU A 421 8.33 13.13 -20.69
C LEU A 421 7.07 12.47 -20.15
N LYS A 422 6.52 11.52 -20.92
CA LYS A 422 5.36 10.75 -20.45
C LYS A 422 5.64 10.12 -19.09
N GLN A 423 6.88 9.70 -18.84
CA GLN A 423 7.24 9.21 -17.52
C GLN A 423 7.34 10.35 -16.51
N ALA A 424 7.95 11.47 -16.90
CA ALA A 424 8.21 12.55 -15.96
C ALA A 424 6.91 13.17 -15.44
N LEU A 425 5.93 13.37 -16.32
CA LEU A 425 4.64 13.93 -15.90
C LEU A 425 4.01 13.09 -14.81
N ASN A 426 4.24 11.78 -14.81
CA ASN A 426 3.71 10.87 -13.80
C ASN A 426 4.66 10.74 -12.62
N ILE A 427 5.93 10.45 -12.88
CA ILE A 427 6.87 10.12 -11.82
C ILE A 427 7.37 11.37 -11.10
N VAL A 428 7.77 12.39 -11.86
CA VAL A 428 8.40 13.56 -11.27
C VAL A 428 7.39 14.63 -10.89
N GLY A 429 6.30 14.78 -11.66
CA GLY A 429 5.30 15.76 -11.32
C GLY A 429 4.62 15.50 -9.99
N THR A 430 4.56 14.23 -9.57
CA THR A 430 3.88 13.88 -8.34
C THR A 430 4.75 14.07 -7.10
N LEU A 431 6.06 14.20 -7.25
CA LEU A 431 6.97 14.26 -6.12
C LEU A 431 6.82 15.55 -5.31
N PRO A 432 6.73 16.73 -5.93
CA PRO A 432 6.43 17.93 -5.12
C PRO A 432 5.04 17.89 -4.54
N PHE A 433 4.06 17.41 -5.30
CA PHE A 433 2.71 17.21 -4.79
C PHE A 433 2.72 16.31 -3.56
N THR A 434 3.34 15.14 -3.68
CA THR A 434 3.39 14.19 -2.57
C THR A 434 4.17 14.75 -1.38
N TYR A 435 5.12 15.65 -1.62
CA TYR A 435 5.97 16.13 -0.53
C TYR A 435 5.29 17.23 0.28
N MET A 436 4.63 18.17 -0.38
CA MET A 436 3.97 19.25 0.38
C MET A 436 2.76 18.74 1.13
N LEU A 437 2.10 17.70 0.62
CA LEU A 437 0.92 17.13 1.29
C LEU A 437 1.31 16.58 2.65
N GLU A 438 2.24 15.62 2.68
CA GLU A 438 2.69 15.04 3.94
C GLU A 438 3.29 16.10 4.85
N LYS A 439 4.00 17.07 4.28
CA LYS A 439 4.54 18.16 5.08
C LYS A 439 3.42 18.94 5.76
N TRP A 440 2.38 19.29 5.00
CA TRP A 440 1.22 19.99 5.57
C TRP A 440 0.60 19.19 6.71
N ARG A 441 0.44 17.88 6.53
CA ARG A 441 -0.19 17.05 7.56
C ARG A 441 0.71 16.91 8.78
N TRP A 442 2.00 16.65 8.55
CA TRP A 442 2.98 16.66 9.63
C TRP A 442 2.91 17.97 10.41
N MET A 443 2.78 19.10 9.71
CA MET A 443 2.71 20.39 10.38
C MET A 443 1.39 20.58 11.09
N VAL A 444 0.32 19.96 10.59
CA VAL A 444 -0.98 20.06 11.25
C VAL A 444 -1.03 19.19 12.48
N PHE A 445 -0.50 17.97 12.39
CA PHE A 445 -0.47 17.09 13.55
C PHE A 445 0.47 17.63 14.64
N LYS A 446 1.56 18.30 14.26
CA LYS A 446 2.44 18.91 15.26
C LYS A 446 1.77 20.08 15.94
N GLY A 447 0.84 20.76 15.27
CA GLY A 447 0.21 21.94 15.81
C GLY A 447 0.80 23.24 15.33
N GLU A 448 1.71 23.20 14.35
CA GLU A 448 2.35 24.40 13.83
C GLU A 448 1.47 25.21 12.90
N ILE A 449 0.24 24.76 12.64
CA ILE A 449 -0.71 25.47 11.79
C ILE A 449 -2.05 25.52 12.50
N PRO A 450 -2.43 26.65 13.08
CA PRO A 450 -3.73 26.76 13.73
C PRO A 450 -4.87 26.53 12.74
N LYS A 451 -6.01 26.08 13.27
CA LYS A 451 -7.16 25.79 12.42
C LYS A 451 -7.60 27.01 11.61
N GLU A 452 -7.33 28.22 12.12
CA GLU A 452 -7.66 29.43 11.40
C GLU A 452 -6.62 29.79 10.35
N GLU A 453 -5.54 29.01 10.24
CA GLU A 453 -4.52 29.21 9.23
C GLU A 453 -4.43 28.05 8.23
N TRP A 454 -5.26 27.02 8.39
CA TRP A 454 -5.13 25.79 7.61
C TRP A 454 -5.05 26.07 6.11
N MET A 455 -6.08 26.71 5.56
CA MET A 455 -6.12 26.91 4.11
C MET A 455 -5.20 28.03 3.66
N LYS A 456 -4.97 29.03 4.52
CA LYS A 456 -3.95 30.03 4.22
C LYS A 456 -2.59 29.38 4.02
N LYS A 457 -2.17 28.56 4.99
CA LYS A 457 -0.86 27.91 4.90
C LYS A 457 -0.85 26.79 3.86
N TRP A 458 -2.00 26.16 3.62
CA TRP A 458 -2.06 25.07 2.65
C TRP A 458 -1.68 25.56 1.26
N TRP A 459 -2.22 26.70 0.85
CA TRP A 459 -1.98 27.19 -0.51
C TRP A 459 -0.67 27.98 -0.61
N GLU A 460 -0.16 28.53 0.48
CA GLU A 460 1.19 29.10 0.46
C GLU A 460 2.21 28.05 0.06
N MET A 461 2.12 26.86 0.64
CA MET A 461 3.00 25.77 0.26
C MET A 461 2.68 25.24 -1.14
N LYS A 462 1.46 25.45 -1.63
CA LYS A 462 1.14 25.03 -3.00
C LYS A 462 1.84 25.92 -4.00
N ARG A 463 1.81 27.24 -3.79
CA ARG A 463 2.51 28.15 -4.69
C ARG A 463 4.01 28.08 -4.50
N GLU A 464 4.48 27.80 -3.29
CA GLU A 464 5.92 27.80 -3.02
C GLU A 464 6.57 26.48 -3.42
N ILE A 465 6.03 25.36 -2.96
CA ILE A 465 6.66 24.06 -3.19
C ILE A 465 6.28 23.47 -4.53
N VAL A 466 4.97 23.40 -4.83
CA VAL A 466 4.53 22.81 -6.10
C VAL A 466 4.40 23.86 -7.20
N GLY A 467 4.30 25.13 -6.86
CA GLY A 467 4.16 26.18 -7.87
C GLY A 467 2.85 26.16 -8.61
N VAL A 468 1.76 25.76 -7.94
CA VAL A 468 0.42 25.79 -8.48
C VAL A 468 -0.44 26.66 -7.58
N VAL A 469 -1.29 27.48 -8.20
CA VAL A 469 -2.08 28.48 -7.50
C VAL A 469 -3.56 28.11 -7.61
N GLU A 470 -4.31 28.36 -6.54
CA GLU A 470 -5.74 28.06 -6.56
C GLU A 470 -6.45 29.03 -7.51
N PRO A 471 -7.41 28.54 -8.30
CA PRO A 471 -8.12 29.43 -9.23
C PRO A 471 -9.09 30.38 -8.55
N VAL A 472 -9.57 30.05 -7.36
CA VAL A 472 -10.41 30.94 -6.57
C VAL A 472 -9.97 30.85 -5.11
N PRO A 473 -9.98 31.95 -4.36
CA PRO A 473 -9.48 31.89 -2.99
C PRO A 473 -10.42 31.11 -2.09
N HIS A 474 -9.82 30.30 -1.21
CA HIS A 474 -10.55 29.47 -0.28
C HIS A 474 -10.25 29.91 1.15
N ASP A 475 -11.29 30.18 1.93
CA ASP A 475 -11.13 30.52 3.33
C ASP A 475 -11.20 29.23 4.15
N GLU A 476 -11.26 29.36 5.48
CA GLU A 476 -11.15 28.19 6.34
C GLU A 476 -12.44 27.38 6.43
N THR A 477 -13.44 27.69 5.61
CA THR A 477 -14.58 26.79 5.47
C THR A 477 -14.24 25.61 4.57
N TYR A 478 -13.25 25.74 3.70
CA TYR A 478 -12.81 24.65 2.85
C TYR A 478 -11.89 23.69 3.59
N CYS A 479 -11.79 22.46 3.08
CA CYS A 479 -10.85 21.46 3.56
C CYS A 479 -10.17 20.78 2.39
N ASP A 480 -9.76 21.56 1.38
CA ASP A 480 -9.24 21.10 0.10
C ASP A 480 -8.28 19.91 0.19
N PRO A 481 -7.34 19.86 1.15
CA PRO A 481 -6.53 18.63 1.28
C PRO A 481 -7.36 17.38 1.46
N ALA A 482 -8.47 17.46 2.21
CA ALA A 482 -9.33 16.30 2.41
C ALA A 482 -10.09 15.90 1.15
N SER A 483 -10.02 16.68 0.08
CA SER A 483 -10.65 16.31 -1.18
C SER A 483 -9.98 15.10 -1.82
N LEU A 484 -8.79 14.72 -1.38
CA LEU A 484 -8.08 13.57 -1.89
C LEU A 484 -8.47 12.32 -1.11
N PHE A 485 -8.53 11.19 -1.82
CA PHE A 485 -8.90 9.92 -1.20
C PHE A 485 -8.01 9.60 -0.01
N HIS A 486 -6.69 9.75 -0.17
CA HIS A 486 -5.76 9.32 0.86
C HIS A 486 -5.88 10.14 2.13
N VAL A 487 -6.17 11.44 2.00
CA VAL A 487 -6.27 12.30 3.16
C VAL A 487 -7.53 12.00 3.95
N ALA A 488 -8.65 11.81 3.26
CA ALA A 488 -9.93 11.55 3.90
C ALA A 488 -10.15 10.09 4.27
N ASN A 489 -9.16 9.23 4.02
CA ASN A 489 -9.26 7.81 4.38
C ASN A 489 -8.12 7.37 5.30
N ASP A 490 -7.45 8.33 5.94
CA ASP A 490 -6.46 8.05 6.99
C ASP A 490 -5.37 7.10 6.50
N TYR A 491 -4.83 7.39 5.32
CA TYR A 491 -3.72 6.63 4.77
C TYR A 491 -2.50 7.54 4.65
N SER A 492 -1.32 6.97 4.88
CA SER A 492 -0.08 7.70 4.66
C SER A 492 0.04 8.11 3.20
N PHE A 493 0.86 9.14 2.95
CA PHE A 493 1.14 9.56 1.59
C PHE A 493 2.62 9.60 1.24
N ILE A 494 3.52 9.61 2.23
CA ILE A 494 4.95 9.62 1.93
C ILE A 494 5.39 8.31 1.28
N ARG A 495 4.59 7.25 1.39
CA ARG A 495 4.96 5.98 0.79
C ARG A 495 5.05 6.07 -0.73
N TYR A 496 4.29 7.00 -1.34
CA TYR A 496 4.44 7.24 -2.77
C TYR A 496 5.68 8.06 -3.09
N TYR A 497 6.14 8.86 -2.12
CA TYR A 497 7.37 9.63 -2.30
C TYR A 497 8.59 8.72 -2.22
N THR A 498 8.71 7.96 -1.13
CA THR A 498 9.89 7.12 -0.91
C THR A 498 9.96 6.00 -1.94
N ARG A 499 8.82 5.39 -2.29
CA ARG A 499 8.83 4.33 -3.29
C ARG A 499 9.45 4.79 -4.61
N THR A 500 9.26 6.06 -4.97
CA THR A 500 9.79 6.56 -6.23
C THR A 500 11.32 6.62 -6.19
N ILE A 501 11.87 7.07 -5.06
CA ILE A 501 13.32 7.09 -4.90
C ILE A 501 13.87 5.67 -4.86
N PHE A 502 13.27 4.80 -4.04
CA PHE A 502 13.73 3.42 -3.94
C PHE A 502 13.62 2.70 -5.27
N GLU A 503 12.58 3.02 -6.04
CA GLU A 503 12.38 2.37 -7.34
C GLU A 503 13.61 2.52 -8.23
N PHE A 504 14.06 3.76 -8.42
CA PHE A 504 15.17 4.00 -9.34
C PHE A 504 16.53 3.66 -8.73
N GLN A 505 16.64 3.67 -7.40
CA GLN A 505 17.81 3.08 -6.76
C GLN A 505 17.93 1.61 -7.14
N PHE A 506 16.83 0.87 -7.01
CA PHE A 506 16.82 -0.53 -7.43
C PHE A 506 17.15 -0.67 -8.91
N HIS A 507 16.54 0.18 -9.74
CA HIS A 507 16.72 0.06 -11.19
C HIS A 507 18.18 0.28 -11.58
N GLU A 508 18.75 1.42 -11.19
CA GLU A 508 20.15 1.70 -11.50
C GLU A 508 21.08 0.60 -10.96
N ALA A 509 20.72 -0.02 -9.85
CA ALA A 509 21.56 -1.07 -9.27
C ALA A 509 21.50 -2.34 -10.09
N LEU A 510 20.30 -2.78 -10.46
CA LEU A 510 20.16 -4.06 -11.16
C LEU A 510 20.63 -3.95 -12.60
N CYS A 511 20.51 -2.78 -13.22
CA CYS A 511 21.03 -2.60 -14.57
C CYS A 511 22.55 -2.57 -14.60
N ARG A 512 23.19 -2.24 -13.48
CA ARG A 512 24.64 -2.38 -13.40
C ARG A 512 25.04 -3.84 -13.20
N ILE A 513 24.29 -4.58 -12.39
CA ILE A 513 24.55 -6.01 -12.23
C ILE A 513 24.36 -6.75 -13.55
N ALA A 514 23.38 -6.32 -14.36
CA ALA A 514 23.11 -6.96 -15.64
C ALA A 514 23.99 -6.43 -16.76
N GLN A 515 25.07 -5.72 -16.43
CA GLN A 515 26.07 -5.29 -17.41
C GLN A 515 25.44 -4.51 -18.55
N HIS A 516 24.38 -3.76 -18.26
CA HIS A 516 23.65 -3.00 -19.28
C HIS A 516 24.43 -1.75 -19.64
N ASN A 517 24.72 -1.58 -20.92
CA ASN A 517 25.45 -0.43 -21.43
C ASN A 517 24.52 0.47 -22.21
N GLY A 518 24.65 1.78 -22.00
CA GLY A 518 23.80 2.74 -22.66
C GLY A 518 22.94 3.53 -21.69
N PRO A 519 21.97 4.27 -22.21
CA PRO A 519 21.10 5.06 -21.34
C PRO A 519 20.32 4.17 -20.37
N LEU A 520 19.96 4.74 -19.22
CA LEU A 520 19.34 3.95 -18.17
C LEU A 520 17.90 3.60 -18.49
N HIS A 521 17.18 4.49 -19.17
CA HIS A 521 15.78 4.22 -19.46
C HIS A 521 15.57 3.12 -20.50
N LYS A 522 16.63 2.69 -21.19
CA LYS A 522 16.55 1.59 -22.14
C LYS A 522 17.00 0.27 -21.54
N CYS A 523 17.05 0.18 -20.22
CA CYS A 523 17.56 -1.01 -19.54
C CYS A 523 16.55 -2.15 -19.59
N ASP A 524 17.04 -3.36 -19.33
CA ASP A 524 16.20 -4.56 -19.31
C ASP A 524 16.93 -5.63 -18.50
N ILE A 525 16.23 -6.18 -17.51
CA ILE A 525 16.82 -7.17 -16.61
C ILE A 525 16.59 -8.61 -17.07
N SER A 526 15.75 -8.81 -18.09
CA SER A 526 15.38 -10.16 -18.50
C SER A 526 16.60 -11.00 -18.86
N ASN A 527 16.56 -12.28 -18.48
CA ASN A 527 17.61 -13.25 -18.77
C ASN A 527 18.93 -12.91 -18.08
N SER A 528 18.86 -12.29 -16.91
CA SER A 528 20.04 -11.97 -16.11
C SER A 528 19.91 -12.68 -14.77
N THR A 529 20.65 -13.79 -14.61
CA THR A 529 20.61 -14.54 -13.36
C THR A 529 21.37 -13.82 -12.26
N ASP A 530 22.49 -13.19 -12.62
CA ASP A 530 23.24 -12.38 -11.66
C ASP A 530 22.34 -11.34 -10.98
N ALA A 531 21.59 -10.57 -11.78
CA ALA A 531 20.78 -9.50 -11.22
C ALA A 531 19.59 -10.04 -10.43
N GLY A 532 19.08 -11.22 -10.79
CA GLY A 532 17.94 -11.77 -10.09
C GLY A 532 18.26 -12.37 -8.74
N LYS A 533 19.47 -12.93 -8.59
CA LYS A 533 19.86 -13.47 -7.30
C LYS A 533 19.96 -12.39 -6.24
N LYS A 534 20.62 -11.27 -6.57
CA LYS A 534 20.72 -10.16 -5.62
C LYS A 534 19.36 -9.57 -5.29
N LEU A 535 18.44 -9.57 -6.26
CA LEU A 535 17.09 -9.09 -5.99
C LEU A 535 16.36 -10.00 -5.00
N HIS A 536 16.36 -11.31 -5.27
CA HIS A 536 15.70 -12.25 -4.38
C HIS A 536 16.31 -12.24 -2.99
N GLN A 537 17.59 -11.87 -2.87
CA GLN A 537 18.22 -11.77 -1.56
C GLN A 537 17.64 -10.62 -0.76
N MET A 538 17.26 -9.53 -1.44
CA MET A 538 16.62 -8.42 -0.76
C MET A 538 15.15 -8.72 -0.48
N LEU A 539 14.46 -9.36 -1.42
CA LEU A 539 13.05 -9.69 -1.21
C LEU A 539 12.87 -10.73 -0.11
N SER A 540 13.87 -11.56 0.14
CA SER A 540 13.70 -12.67 1.08
C SER A 540 13.80 -12.21 2.54
N VAL A 541 14.59 -11.18 2.83
CA VAL A 541 14.75 -10.76 4.22
C VAL A 541 13.45 -10.18 4.77
N GLY A 542 12.61 -9.63 3.89
CA GLY A 542 11.35 -9.06 4.35
C GLY A 542 11.52 -7.86 5.26
N LYS A 543 10.99 -7.97 6.47
CA LYS A 543 11.03 -6.89 7.45
C LYS A 543 11.86 -7.26 8.67
N SER A 544 12.70 -8.30 8.56
CA SER A 544 13.49 -8.80 9.69
C SER A 544 14.82 -8.08 9.86
N GLN A 545 15.10 -7.08 9.04
CA GLN A 545 16.37 -6.36 9.12
C GLN A 545 16.10 -4.87 9.03
N ALA A 546 17.12 -4.09 9.39
CA ALA A 546 17.10 -2.66 9.15
C ALA A 546 17.00 -2.40 7.67
N TRP A 547 15.96 -1.67 7.25
CA TRP A 547 15.80 -1.34 5.84
C TRP A 547 17.00 -0.62 5.26
N THR A 548 17.78 0.05 6.11
CA THR A 548 19.04 0.63 5.66
C THR A 548 20.00 -0.44 5.17
N LYS A 549 20.16 -1.53 5.94
CA LYS A 549 21.00 -2.64 5.52
C LYS A 549 20.39 -3.35 4.32
N THR A 550 19.09 -3.67 4.40
CA THR A 550 18.39 -4.32 3.29
C THR A 550 18.58 -3.53 2.00
N LEU A 551 18.56 -2.20 2.09
CA LEU A 551 18.87 -1.38 0.92
C LEU A 551 20.36 -1.34 0.65
N GLU A 552 21.19 -1.51 1.69
CA GLU A 552 22.63 -1.45 1.48
C GLU A 552 23.16 -2.64 0.68
N ASP A 553 22.54 -3.82 0.80
CA ASP A 553 23.04 -4.99 0.09
C ASP A 553 22.41 -5.15 -1.29
N ILE A 554 21.85 -4.07 -1.85
CA ILE A 554 21.40 -4.03 -3.24
C ILE A 554 22.05 -2.88 -4.01
N VAL A 555 21.99 -1.67 -3.46
CA VAL A 555 22.44 -0.45 -4.13
C VAL A 555 23.71 0.10 -3.51
N ASP A 556 24.28 -0.59 -2.52
CA ASP A 556 25.57 -0.26 -1.91
C ASP A 556 25.55 1.07 -1.15
N SER A 557 24.39 1.54 -0.71
CA SER A 557 24.33 2.75 0.09
C SER A 557 23.29 2.58 1.20
N ARG A 558 23.68 2.95 2.42
CA ARG A 558 22.77 2.91 3.56
C ARG A 558 21.63 3.93 3.44
N ASN A 559 21.81 4.97 2.63
CA ASN A 559 20.96 6.14 2.68
C ASN A 559 20.06 6.21 1.44
N MET A 560 19.17 7.20 1.46
CA MET A 560 18.11 7.35 0.46
C MET A 560 18.59 8.35 -0.59
N ASP A 561 19.03 7.84 -1.73
CA ASP A 561 19.62 8.66 -2.79
C ASP A 561 18.59 8.89 -3.90
N VAL A 562 18.34 10.17 -4.22
CA VAL A 562 17.55 10.52 -5.40
C VAL A 562 18.43 10.62 -6.64
N GLY A 563 19.73 10.34 -6.52
CA GLY A 563 20.64 10.35 -7.65
C GLY A 563 20.19 9.52 -8.84
N PRO A 564 19.93 8.23 -8.61
CA PRO A 564 19.46 7.38 -9.72
C PRO A 564 18.25 7.92 -10.46
N LEU A 565 17.34 8.62 -9.76
CA LEU A 565 16.21 9.22 -10.43
C LEU A 565 16.65 10.32 -11.39
N LEU A 566 17.41 11.30 -10.90
CA LEU A 566 17.93 12.35 -11.76
C LEU A 566 18.83 11.79 -12.86
N ARG A 567 19.58 10.73 -12.55
CA ARG A 567 20.41 10.09 -13.56
C ARG A 567 19.53 9.46 -14.65
N TYR A 568 18.38 8.91 -14.26
CA TYR A 568 17.45 8.33 -15.22
C TYR A 568 16.86 9.39 -16.14
N PHE A 569 16.74 10.63 -15.67
CA PHE A 569 16.07 11.69 -16.41
C PHE A 569 17.03 12.71 -17.03
N LYS A 570 18.34 12.52 -16.90
CA LYS A 570 19.29 13.41 -17.57
C LYS A 570 19.00 13.65 -19.04
N PRO A 571 18.67 12.63 -19.86
CA PRO A 571 18.31 12.93 -21.26
C PRO A 571 17.18 13.94 -21.40
N LEU A 572 16.13 13.82 -20.59
CA LEU A 572 15.06 14.80 -20.63
C LEU A 572 15.47 16.11 -19.96
N TYR A 573 16.32 16.04 -18.92
CA TYR A 573 16.74 17.24 -18.22
C TYR A 573 17.57 18.15 -19.13
N THR A 574 18.51 17.56 -19.88
CA THR A 574 19.32 18.36 -20.80
C THR A 574 18.52 18.81 -22.02
N TRP A 575 17.44 18.11 -22.35
CA TRP A 575 16.57 18.54 -23.45
C TRP A 575 15.64 19.66 -23.00
N LEU A 576 15.12 19.58 -21.78
CA LEU A 576 14.25 20.63 -21.26
C LEU A 576 14.99 21.96 -21.16
N GLN A 577 16.24 21.93 -20.70
CA GLN A 577 17.02 23.16 -20.56
C GLN A 577 17.17 23.87 -21.90
N GLU A 578 17.53 23.12 -22.94
CA GLU A 578 17.63 23.72 -24.27
C GLU A 578 16.27 24.19 -24.78
N GLN A 579 15.19 23.50 -24.39
CA GLN A 579 13.86 23.91 -24.78
C GLN A 579 13.29 25.03 -23.92
N ASN A 580 13.94 25.36 -22.80
CA ASN A 580 13.51 26.44 -21.93
C ASN A 580 14.36 27.69 -22.09
N ARG A 581 15.21 27.74 -23.11
CA ARG A 581 16.11 28.88 -23.29
C ARG A 581 15.35 30.18 -23.53
N LYS A 582 14.15 30.10 -24.08
CA LYS A 582 13.38 31.27 -24.47
C LYS A 582 12.24 31.60 -23.53
N SER A 583 12.08 30.84 -22.44
CA SER A 583 11.00 31.07 -21.50
C SER A 583 11.55 31.06 -20.07
N TYR A 584 10.69 31.44 -19.13
CA TYR A 584 11.09 31.60 -17.73
C TYR A 584 11.11 30.26 -17.02
N VAL A 585 12.10 30.08 -16.16
CA VAL A 585 12.23 28.88 -15.32
C VAL A 585 12.06 29.33 -13.88
N GLY A 586 11.02 28.83 -13.23
CA GLY A 586 10.59 29.30 -11.92
C GLY A 586 9.15 29.76 -11.95
N TRP A 587 8.69 30.23 -10.80
CA TRP A 587 7.32 30.72 -10.71
C TRP A 587 7.25 31.90 -9.74
N ASN A 588 6.17 32.67 -9.86
CA ASN A 588 5.95 33.87 -9.08
C ASN A 588 4.92 33.54 -7.99
N THR A 589 5.39 33.48 -6.74
CA THR A 589 4.55 32.99 -5.64
C THR A 589 3.28 33.82 -5.47
N ASP A 590 3.33 35.12 -5.74
CA ASP A 590 2.22 35.99 -5.38
C ASP A 590 1.15 36.10 -6.46
N TRP A 591 1.43 35.68 -7.69
CA TRP A 591 0.45 35.79 -8.76
C TRP A 591 -0.69 34.80 -8.54
N SER A 592 -1.86 35.17 -9.07
CA SER A 592 -3.05 34.32 -9.04
C SER A 592 -3.92 34.68 -10.24
N PRO A 593 -4.72 33.75 -10.74
CA PRO A 593 -5.56 34.07 -11.91
C PRO A 593 -6.68 35.06 -11.62
N TYR A 594 -7.00 35.28 -10.35
CA TYR A 594 -8.00 36.27 -9.95
C TYR A 594 -7.39 37.57 -9.45
N ALA A 595 -6.07 37.68 -9.46
CA ALA A 595 -5.40 38.79 -8.79
C ALA A 595 -5.70 40.12 -9.47
N ASP A 596 -5.47 40.21 -10.78
CA ASP A 596 -5.55 41.50 -11.47
C ASP A 596 -6.95 42.08 -11.42
N GLN A 597 -7.98 41.23 -11.35
CA GLN A 597 -9.36 41.71 -11.23
C GLN A 597 -9.80 41.96 -9.80
N SER A 598 -8.92 41.79 -8.83
CA SER A 598 -9.26 42.05 -7.43
C SER A 598 -8.99 43.51 -7.08
N ILE A 599 -9.45 43.89 -5.88
CA ILE A 599 -9.30 45.26 -5.39
C ILE A 599 -8.76 45.20 -3.97
N LYS A 600 -7.65 45.90 -3.73
CA LYS A 600 -7.01 45.88 -2.42
C LYS A 600 -7.73 46.80 -1.46
N VAL A 601 -8.11 46.26 -0.30
CA VAL A 601 -8.76 47.00 0.76
C VAL A 601 -7.79 47.16 1.92
N TRP A 602 -7.86 48.31 2.60
CA TRP A 602 -6.99 48.59 3.74
C TRP A 602 -7.85 48.89 4.96
N ILE A 603 -7.91 47.93 5.88
CA ILE A 603 -8.62 48.13 7.14
C ILE A 603 -7.98 49.26 7.93
N SER A 604 -8.82 50.14 8.47
CA SER A 604 -8.35 51.22 9.31
C SER A 604 -7.85 50.69 10.64
N LEU A 605 -6.67 51.14 11.06
CA LEU A 605 -6.17 50.87 12.41
C LEU A 605 -6.61 52.03 13.31
N LYS A 606 -7.89 52.00 13.68
CA LYS A 606 -8.46 53.05 14.52
C LYS A 606 -7.67 53.22 15.82
N SER A 607 -7.02 52.16 16.29
CA SER A 607 -6.00 52.28 17.33
C SER A 607 -4.91 51.27 17.04
N ALA A 608 -3.75 51.49 17.65
CA ALA A 608 -2.48 51.15 17.00
C ALA A 608 -2.43 49.74 16.44
N LEU A 609 -2.56 48.73 17.31
CA LEU A 609 -2.70 47.34 16.92
C LEU A 609 -3.08 46.55 18.16
N GLY A 610 -4.02 45.62 18.03
CA GLY A 610 -4.37 44.79 19.15
C GLY A 610 -5.46 45.33 20.05
N GLU A 611 -5.90 46.57 19.85
CA GLU A 611 -7.04 47.10 20.60
C GLU A 611 -8.30 46.49 19.99
N LYS A 612 -8.80 45.41 20.60
CA LYS A 612 -9.74 44.51 19.94
C LYS A 612 -11.21 44.87 20.13
N ALA A 613 -11.55 46.10 20.53
CA ALA A 613 -12.95 46.48 20.51
C ALA A 613 -13.51 46.45 19.09
N TYR A 614 -12.95 47.30 18.23
CA TYR A 614 -12.89 47.35 16.77
C TYR A 614 -11.62 46.55 16.43
N GLU A 615 -11.04 46.60 15.21
CA GLU A 615 -10.28 45.49 14.62
C GLU A 615 -10.93 44.15 14.24
N TRP A 616 -11.78 44.22 13.21
CA TRP A 616 -12.78 43.29 12.66
C TRP A 616 -12.36 41.83 12.54
N ASN A 617 -13.35 40.96 12.74
CA ASN A 617 -13.23 39.51 12.81
C ASN A 617 -14.18 38.89 11.78
N ASP A 618 -14.33 37.56 11.80
CA ASP A 618 -15.06 36.86 10.74
C ASP A 618 -16.43 37.46 10.48
N ASN A 619 -17.10 37.96 11.52
CA ASN A 619 -18.47 38.42 11.34
C ASN A 619 -18.52 39.76 10.59
N GLU A 620 -17.54 40.64 10.85
CA GLU A 620 -17.46 41.89 10.10
C GLU A 620 -17.14 41.62 8.63
N MET A 621 -16.41 40.55 8.34
CA MET A 621 -16.10 40.21 6.95
C MET A 621 -17.36 39.82 6.19
N TYR A 622 -18.26 39.08 6.84
CA TYR A 622 -19.54 38.76 6.23
C TYR A 622 -20.32 40.04 5.94
N LEU A 623 -20.40 40.95 6.90
CA LEU A 623 -21.11 42.20 6.70
C LEU A 623 -20.48 43.01 5.57
N PHE A 624 -19.15 42.97 5.45
CA PHE A 624 -18.49 43.68 4.35
C PHE A 624 -18.83 43.04 3.01
N ARG A 625 -18.82 41.71 2.93
CA ARG A 625 -19.10 41.04 1.67
C ARG A 625 -20.57 41.22 1.27
N SER A 626 -21.47 41.20 2.25
CA SER A 626 -22.88 41.47 1.97
C SER A 626 -23.08 42.92 1.52
N SER A 627 -22.32 43.84 2.10
CA SER A 627 -22.39 45.24 1.67
C SER A 627 -21.88 45.41 0.25
N VAL A 628 -20.83 44.66 -0.12
CA VAL A 628 -20.34 44.68 -1.50
C VAL A 628 -21.39 44.10 -2.44
N ALA A 629 -22.02 42.98 -2.05
CA ALA A 629 -23.06 42.37 -2.88
C ALA A 629 -24.20 43.33 -3.12
N TYR A 630 -24.66 44.03 -2.08
CA TYR A 630 -25.68 45.06 -2.23
C TYR A 630 -25.27 46.09 -3.28
N ALA A 631 -24.07 46.66 -3.11
CA ALA A 631 -23.55 47.63 -4.08
C ALA A 631 -23.57 47.06 -5.49
N MET A 632 -23.19 45.79 -5.65
CA MET A 632 -23.25 45.14 -6.96
C MET A 632 -24.70 44.95 -7.40
N ARG A 633 -25.56 44.47 -6.48
CA ARG A 633 -26.98 44.37 -6.76
C ARG A 633 -27.56 45.71 -7.21
N GLU A 634 -27.36 46.74 -6.40
CA GLU A 634 -27.90 48.07 -6.71
C GLU A 634 -27.36 48.58 -8.05
N TYR A 635 -26.06 48.40 -8.29
CA TYR A 635 -25.44 48.91 -9.50
C TYR A 635 -26.11 48.36 -10.76
N PHE A 636 -26.18 47.04 -10.89
CA PHE A 636 -26.72 46.43 -12.11
C PHE A 636 -28.17 46.83 -12.34
N LEU A 637 -28.95 46.93 -11.27
CA LEU A 637 -30.35 47.32 -11.42
C LEU A 637 -30.48 48.77 -11.87
N LYS A 638 -29.60 49.65 -11.37
CA LYS A 638 -29.71 51.08 -11.66
C LYS A 638 -28.92 51.50 -12.90
N THR A 639 -27.99 50.68 -13.38
CA THR A 639 -27.17 51.03 -14.53
C THR A 639 -27.40 50.15 -15.74
N LYS A 640 -27.90 48.92 -15.56
CA LYS A 640 -28.07 48.01 -16.67
C LYS A 640 -29.48 47.40 -16.73
N ASN A 641 -30.36 47.74 -15.80
CA ASN A 641 -31.72 47.19 -15.75
C ASN A 641 -31.69 45.66 -15.67
N GLN A 642 -30.79 45.12 -14.85
CA GLN A 642 -30.62 43.69 -14.70
C GLN A 642 -30.76 43.29 -13.24
N THR A 643 -31.47 42.19 -13.01
CA THR A 643 -31.70 41.67 -11.66
C THR A 643 -30.70 40.54 -11.43
N ILE A 644 -29.52 40.90 -10.92
CA ILE A 644 -28.45 39.95 -10.64
C ILE A 644 -28.28 39.89 -9.13
N LEU A 645 -28.69 38.77 -8.53
CA LEU A 645 -28.78 38.64 -7.08
C LEU A 645 -27.44 38.17 -6.53
N PHE A 646 -26.52 39.11 -6.37
CA PHE A 646 -25.25 38.83 -5.71
C PHE A 646 -25.47 38.51 -4.24
N GLY A 647 -24.47 37.89 -3.64
CA GLY A 647 -24.52 37.56 -2.22
C GLY A 647 -23.12 37.53 -1.64
N ASP A 648 -23.06 37.26 -0.33
CA ASP A 648 -21.76 37.08 0.32
C ASP A 648 -21.00 35.91 -0.30
N GLU A 649 -21.72 34.92 -0.86
CA GLU A 649 -21.09 33.79 -1.51
C GLU A 649 -20.46 34.15 -2.86
N ASN A 650 -20.70 35.35 -3.36
CA ASN A 650 -20.15 35.80 -4.63
C ASN A 650 -19.07 36.86 -4.48
N VAL A 651 -18.57 37.06 -3.26
CA VAL A 651 -17.52 38.03 -2.98
C VAL A 651 -16.35 37.25 -2.38
N TRP A 652 -15.26 37.15 -3.12
CA TRP A 652 -14.15 36.26 -2.80
C TRP A 652 -12.99 37.07 -2.24
N VAL A 653 -12.66 36.83 -0.97
CA VAL A 653 -11.59 37.58 -0.29
C VAL A 653 -10.30 36.78 -0.38
N SER A 654 -9.23 37.42 -0.83
CA SER A 654 -7.91 36.82 -0.92
C SER A 654 -6.91 37.68 -0.16
N ASN A 655 -5.66 37.20 -0.11
CA ASN A 655 -4.53 37.93 0.47
C ASN A 655 -4.86 38.48 1.86
N LEU A 656 -5.52 37.66 2.67
CA LEU A 656 -5.97 38.13 3.98
C LEU A 656 -4.77 38.36 4.91
N LYS A 657 -4.79 39.51 5.58
CA LYS A 657 -3.88 39.91 6.62
C LYS A 657 -4.62 40.00 7.95
N PRO A 658 -3.90 39.99 9.08
CA PRO A 658 -4.58 39.93 10.38
C PRO A 658 -5.29 41.22 10.73
N ARG A 659 -6.42 41.47 10.08
CA ARG A 659 -7.21 42.69 10.26
C ARG A 659 -6.43 43.93 9.82
N ILE A 660 -5.70 43.79 8.71
CA ILE A 660 -4.89 44.86 8.15
C ILE A 660 -5.29 45.15 6.71
N SER A 661 -5.31 44.13 5.86
CA SER A 661 -5.62 44.32 4.45
C SER A 661 -6.11 43.02 3.85
N PHE A 662 -6.73 43.13 2.67
CA PHE A 662 -7.14 41.97 1.88
C PHE A 662 -7.60 42.45 0.51
N ASN A 663 -7.70 41.51 -0.42
CA ASN A 663 -8.25 41.73 -1.75
C ASN A 663 -9.66 41.13 -1.82
N PHE A 664 -10.36 41.46 -2.91
CA PHE A 664 -11.67 40.86 -3.16
C PHE A 664 -12.06 41.07 -4.61
N HIS A 665 -12.70 40.06 -5.19
CA HIS A 665 -13.32 40.15 -6.51
C HIS A 665 -14.73 39.57 -6.44
N VAL A 666 -15.47 39.71 -7.52
CA VAL A 666 -16.88 39.33 -7.58
C VAL A 666 -17.11 38.44 -8.78
N THR A 667 -18.01 37.47 -8.62
CA THR A 667 -18.38 36.54 -9.67
C THR A 667 -19.89 36.56 -9.89
N SER A 668 -20.30 36.14 -11.08
CA SER A 668 -21.71 35.98 -11.38
C SER A 668 -22.31 34.94 -10.43
N PRO A 669 -23.58 35.12 -10.01
CA PRO A 669 -24.11 34.34 -8.88
C PRO A 669 -23.94 32.83 -9.01
N GLY A 670 -24.42 32.24 -10.10
CA GLY A 670 -24.33 30.80 -10.25
C GLY A 670 -23.29 30.36 -11.26
N ASN A 671 -22.26 31.18 -11.48
CA ASN A 671 -21.20 30.84 -12.42
C ASN A 671 -19.90 31.43 -11.89
N VAL A 672 -19.09 30.60 -11.24
CA VAL A 672 -17.85 31.04 -10.62
C VAL A 672 -16.85 31.54 -11.66
N SER A 673 -16.95 31.08 -12.90
CA SER A 673 -15.93 31.40 -13.90
C SER A 673 -16.01 32.86 -14.32
N ASP A 674 -17.21 33.38 -14.54
CA ASP A 674 -17.39 34.75 -15.01
C ASP A 674 -17.17 35.71 -13.86
N ILE A 675 -16.05 36.44 -13.90
CA ILE A 675 -15.74 37.46 -12.91
C ILE A 675 -16.23 38.80 -13.43
N ILE A 676 -16.89 39.58 -12.56
CA ILE A 676 -17.30 40.94 -12.90
C ILE A 676 -16.04 41.77 -13.06
N PRO A 677 -15.83 42.42 -14.21
CA PRO A 677 -14.58 43.15 -14.42
C PRO A 677 -14.36 44.23 -13.37
N ARG A 678 -13.09 44.49 -13.07
CA ARG A 678 -12.74 45.40 -11.98
C ARG A 678 -13.27 46.82 -12.19
N PRO A 679 -13.13 47.44 -13.37
CA PRO A 679 -13.68 48.80 -13.53
C PRO A 679 -15.16 48.90 -13.18
N GLU A 680 -15.95 47.86 -13.47
CA GLU A 680 -17.36 47.90 -13.12
C GLU A 680 -17.57 47.80 -11.61
N VAL A 681 -16.77 46.97 -10.94
CA VAL A 681 -16.87 46.87 -9.49
C VAL A 681 -16.44 48.16 -8.81
N GLU A 682 -15.40 48.82 -9.36
CA GLU A 682 -15.01 50.12 -8.85
C GLU A 682 -16.15 51.13 -8.95
N GLY A 683 -16.85 51.13 -10.09
CA GLY A 683 -17.98 52.03 -10.24
C GLY A 683 -19.12 51.71 -9.28
N ALA A 684 -19.43 50.41 -9.13
CA ALA A 684 -20.46 50.01 -8.19
C ALA A 684 -20.14 50.44 -6.76
N ILE A 685 -18.86 50.51 -6.41
CA ILE A 685 -18.48 50.93 -5.07
C ILE A 685 -18.63 52.43 -4.92
N ARG A 686 -18.11 53.20 -5.89
CA ARG A 686 -18.27 54.65 -5.88
C ARG A 686 -19.73 55.05 -5.70
N MET A 687 -20.64 54.37 -6.39
CA MET A 687 -22.06 54.70 -6.32
C MET A 687 -22.61 54.56 -4.91
N SER A 688 -22.07 53.63 -4.12
CA SER A 688 -22.55 53.37 -2.77
C SER A 688 -21.45 53.43 -1.73
N ARG A 689 -20.34 54.12 -2.02
CA ARG A 689 -19.25 54.20 -1.06
C ARG A 689 -19.65 54.92 0.21
N SER A 690 -20.57 55.89 0.12
CA SER A 690 -21.10 56.53 1.31
C SER A 690 -21.94 55.57 2.14
N ARG A 691 -22.50 54.53 1.52
CA ARG A 691 -23.36 53.58 2.23
C ARG A 691 -22.56 52.48 2.91
N ILE A 692 -21.30 52.29 2.55
CA ILE A 692 -20.48 51.22 3.11
C ILE A 692 -19.63 51.80 4.25
N ASN A 693 -19.27 53.08 4.13
CA ASN A 693 -18.51 53.72 5.19
C ASN A 693 -19.37 53.96 6.43
N ASP A 694 -20.66 54.21 6.24
CA ASP A 694 -21.57 54.42 7.37
C ASP A 694 -21.63 53.19 8.26
N ALA A 695 -21.87 52.02 7.67
CA ALA A 695 -22.09 50.81 8.46
C ALA A 695 -20.87 50.44 9.31
N PHE A 696 -19.67 50.81 8.87
CA PHE A 696 -18.46 50.53 9.62
C PHE A 696 -17.92 51.77 10.35
N ARG A 697 -18.59 52.92 10.22
CA ARG A 697 -18.22 54.13 10.93
C ARG A 697 -16.86 54.68 10.50
N LEU A 698 -16.43 54.36 9.29
CA LEU A 698 -15.19 54.87 8.74
C LEU A 698 -15.45 56.06 7.81
N ASP A 699 -14.40 56.81 7.50
CA ASP A 699 -14.58 58.11 6.82
C ASP A 699 -13.62 58.30 5.64
N ASP A 700 -13.47 57.26 4.81
CA ASP A 700 -13.02 57.37 3.43
C ASP A 700 -11.52 57.67 3.34
N ASN A 701 -10.87 57.88 4.49
CA ASN A 701 -9.43 57.68 4.61
C ASN A 701 -9.11 56.47 5.47
N SER A 702 -10.03 56.08 6.33
CA SER A 702 -9.94 54.85 7.10
C SER A 702 -10.24 53.64 6.23
N LEU A 703 -11.29 53.71 5.41
CA LEU A 703 -11.67 52.65 4.49
C LEU A 703 -11.27 53.09 3.08
N GLU A 704 -10.17 52.54 2.57
CA GLU A 704 -9.60 52.90 1.29
C GLU A 704 -9.55 51.69 0.36
N PHE A 705 -9.48 51.96 -0.94
CA PHE A 705 -9.61 50.88 -1.94
C PHE A 705 -8.51 50.89 -3.00
N LEU A 706 -7.45 51.67 -2.83
CA LEU A 706 -6.30 51.69 -3.73
C LEU A 706 -6.72 51.79 -5.20
N GLY A 707 -7.39 52.90 -5.51
CA GLY A 707 -7.76 53.18 -6.89
C GLY A 707 -9.12 53.83 -7.05
N THR B 1 1.89 -67.07 7.18
CA THR B 1 1.93 -67.22 5.73
C THR B 1 0.81 -66.42 5.06
N ASN B 2 0.21 -65.51 5.83
CA ASN B 2 -0.80 -64.60 5.31
C ASN B 2 -0.15 -63.31 4.86
N LEU B 3 -0.97 -62.36 4.42
CA LEU B 3 -0.49 -61.07 3.93
C LEU B 3 -0.67 -60.02 5.02
N CYS B 4 0.41 -59.26 5.28
CA CYS B 4 0.40 -58.33 6.39
C CYS B 4 -0.66 -57.24 6.18
N PRO B 5 -1.38 -56.86 7.22
CA PRO B 5 -2.49 -55.90 7.09
C PRO B 5 -2.01 -54.46 6.93
N PHE B 6 -1.36 -54.18 5.80
CA PHE B 6 -0.96 -52.81 5.50
C PHE B 6 -2.14 -51.97 5.08
N GLY B 7 -3.17 -52.59 4.50
CA GLY B 7 -4.38 -51.85 4.14
C GLY B 7 -5.11 -51.26 5.33
N GLU B 8 -4.83 -51.74 6.54
CA GLU B 8 -5.37 -51.10 7.73
C GLU B 8 -4.64 -49.80 8.05
N VAL B 9 -3.33 -49.77 7.83
CA VAL B 9 -2.53 -48.60 8.18
C VAL B 9 -2.67 -47.50 7.13
N PHE B 10 -2.52 -47.88 5.85
CA PHE B 10 -2.46 -46.89 4.78
C PHE B 10 -3.86 -46.43 4.37
N ASN B 11 -4.81 -47.35 4.25
CA ASN B 11 -6.16 -47.04 3.79
C ASN B 11 -7.12 -46.79 4.94
N ALA B 12 -6.62 -46.34 6.09
CA ALA B 12 -7.48 -46.05 7.23
C ALA B 12 -8.32 -44.80 6.97
N THR B 13 -9.53 -44.81 7.53
CA THR B 13 -10.45 -43.70 7.32
C THR B 13 -9.87 -42.39 7.84
N ARG B 14 -9.59 -42.33 9.13
CA ARG B 14 -8.97 -41.17 9.75
C ARG B 14 -7.63 -41.56 10.36
N PHE B 15 -6.66 -40.66 10.26
CA PHE B 15 -5.35 -40.86 10.86
C PHE B 15 -5.30 -40.23 12.25
N ALA B 16 -4.25 -40.55 12.99
CA ALA B 16 -4.03 -40.00 14.31
C ALA B 16 -3.29 -38.67 14.23
N SER B 17 -3.45 -37.85 15.27
CA SER B 17 -2.67 -36.63 15.39
C SER B 17 -1.20 -36.97 15.66
N VAL B 18 -0.33 -36.00 15.38
CA VAL B 18 1.10 -36.27 15.46
C VAL B 18 1.56 -36.37 16.92
N TYR B 19 1.00 -35.52 17.80
CA TYR B 19 1.33 -35.61 19.21
C TYR B 19 0.90 -36.94 19.80
N ALA B 20 -0.15 -37.55 19.24
CA ALA B 20 -0.74 -38.78 19.71
C ALA B 20 -0.60 -39.88 18.66
N TRP B 21 0.57 -39.93 18.03
CA TRP B 21 0.77 -40.80 16.86
C TRP B 21 0.47 -42.25 17.18
N ASN B 22 -0.04 -42.95 16.19
CA ASN B 22 -0.47 -44.33 16.31
C ASN B 22 0.67 -45.29 16.00
N ARG B 23 0.58 -46.49 16.56
CA ARG B 23 1.53 -47.56 16.25
C ARG B 23 0.77 -48.86 16.11
N LYS B 24 1.01 -49.57 15.01
CA LYS B 24 0.40 -50.87 14.75
C LYS B 24 1.49 -51.93 14.76
N ARG B 25 1.29 -52.99 15.54
CA ARG B 25 2.22 -54.11 15.57
C ARG B 25 1.89 -55.07 14.44
N ILE B 26 2.93 -55.52 13.73
CA ILE B 26 2.77 -56.39 12.57
C ILE B 26 3.66 -57.60 12.78
N SER B 27 3.05 -58.79 12.82
CA SER B 27 3.81 -60.01 13.05
C SER B 27 3.06 -61.19 12.45
N ASN B 28 3.83 -62.26 12.20
CA ASN B 28 3.29 -63.54 11.72
C ASN B 28 2.55 -63.37 10.38
N CYS B 29 3.20 -62.70 9.44
CA CYS B 29 2.60 -62.49 8.13
C CYS B 29 3.70 -62.33 7.08
N VAL B 30 3.28 -62.43 5.81
CA VAL B 30 4.15 -62.25 4.67
C VAL B 30 3.92 -60.85 4.10
N ALA B 31 4.99 -60.11 3.87
CA ALA B 31 4.91 -58.73 3.39
C ALA B 31 5.73 -58.58 2.12
N ASP B 32 5.11 -58.01 1.10
CA ASP B 32 5.78 -57.66 -0.15
C ASP B 32 6.01 -56.15 -0.13
N TYR B 33 7.17 -55.75 0.40
CA TYR B 33 7.50 -54.33 0.56
C TYR B 33 7.73 -53.64 -0.77
N SER B 34 7.67 -54.38 -1.87
CA SER B 34 7.87 -53.82 -3.20
C SER B 34 6.60 -53.22 -3.77
N VAL B 35 5.45 -53.52 -3.17
CA VAL B 35 4.24 -52.83 -3.56
C VAL B 35 4.26 -51.40 -3.03
N LEU B 36 4.66 -51.22 -1.76
CA LEU B 36 4.77 -49.87 -1.21
C LEU B 36 5.76 -49.01 -1.99
N TYR B 37 6.99 -49.50 -2.16
CA TYR B 37 8.01 -48.69 -2.83
C TYR B 37 7.73 -48.47 -4.30
N ASN B 38 6.97 -49.37 -4.94
CA ASN B 38 6.63 -49.19 -6.35
C ASN B 38 5.19 -48.72 -6.51
N SER B 39 4.73 -47.91 -5.57
CA SER B 39 3.42 -47.27 -5.67
C SER B 39 3.63 -45.81 -6.01
N ALA B 40 2.76 -45.28 -6.86
CA ALA B 40 2.88 -43.92 -7.37
C ALA B 40 1.93 -42.97 -6.64
N SER B 41 1.38 -43.43 -5.51
CA SER B 41 0.50 -42.65 -4.67
C SER B 41 1.24 -41.82 -3.63
N PHE B 42 2.53 -42.06 -3.44
CA PHE B 42 3.28 -41.43 -2.38
C PHE B 42 4.17 -40.32 -2.92
N SER B 43 4.35 -39.28 -2.11
CA SER B 43 5.27 -38.19 -2.43
C SER B 43 6.65 -38.42 -1.84
N THR B 44 6.73 -39.12 -0.72
CA THR B 44 8.00 -39.44 -0.07
C THR B 44 8.05 -40.94 0.21
N PHE B 45 9.17 -41.57 -0.13
CA PHE B 45 9.43 -42.91 0.36
C PHE B 45 10.95 -43.00 0.53
N LYS B 46 11.41 -42.75 1.74
CA LYS B 46 12.84 -42.76 2.09
C LYS B 46 13.12 -43.84 3.11
N CYS B 47 14.23 -44.56 2.92
CA CYS B 47 14.63 -45.61 3.84
C CYS B 47 16.03 -45.33 4.38
N TYR B 48 16.33 -45.95 5.51
CA TYR B 48 17.57 -45.67 6.25
C TYR B 48 18.13 -46.99 6.77
N GLY B 49 19.35 -47.31 6.33
CA GLY B 49 19.96 -48.57 6.70
C GLY B 49 19.61 -49.66 5.72
N VAL B 50 18.34 -50.07 5.72
CA VAL B 50 17.86 -51.03 4.72
C VAL B 50 17.75 -50.32 3.37
N SER B 51 17.67 -51.12 2.31
CA SER B 51 17.53 -50.58 0.98
C SER B 51 16.13 -50.85 0.47
N PRO B 52 15.41 -49.84 -0.02
CA PRO B 52 14.14 -50.09 -0.70
C PRO B 52 14.22 -51.23 -1.70
N THR B 53 15.16 -51.14 -2.65
CA THR B 53 15.29 -52.15 -3.70
C THR B 53 15.28 -53.55 -3.12
N LYS B 54 14.28 -54.34 -3.55
CA LYS B 54 14.28 -55.80 -3.50
C LYS B 54 14.85 -56.34 -2.19
N LEU B 55 14.49 -55.72 -1.07
CA LEU B 55 14.84 -56.19 0.26
C LEU B 55 13.63 -56.70 1.02
N ASN B 56 12.59 -57.09 0.28
CA ASN B 56 11.46 -57.87 0.77
C ASN B 56 11.80 -59.35 0.81
N ASP B 57 13.10 -59.64 0.72
CA ASP B 57 13.67 -60.97 0.84
C ASP B 57 14.53 -61.03 2.09
N LEU B 58 14.04 -60.39 3.15
CA LEU B 58 14.64 -60.32 4.47
C LEU B 58 13.67 -60.94 5.48
N CYS B 59 14.13 -61.07 6.73
CA CYS B 59 13.27 -61.52 7.81
C CYS B 59 13.41 -60.57 8.99
N PHE B 60 12.35 -60.48 9.80
CA PHE B 60 12.38 -59.64 10.99
C PHE B 60 11.45 -60.23 12.04
N THR B 61 11.70 -59.85 13.29
CA THR B 61 10.85 -60.29 14.39
C THR B 61 9.51 -59.56 14.37
N ASN B 62 9.55 -58.23 14.47
CA ASN B 62 8.35 -57.41 14.46
C ASN B 62 8.56 -56.22 13.53
N VAL B 63 7.50 -55.84 12.82
CA VAL B 63 7.48 -54.65 12.00
C VAL B 63 6.46 -53.69 12.61
N TYR B 64 6.85 -52.43 12.80
CA TYR B 64 6.02 -51.44 13.46
C TYR B 64 5.69 -50.32 12.50
N ALA B 65 4.40 -50.04 12.35
CA ALA B 65 3.89 -49.05 11.41
C ALA B 65 3.30 -47.87 12.20
N ASP B 66 4.06 -46.79 12.31
CA ASP B 66 3.59 -45.57 12.94
C ASP B 66 2.90 -44.69 11.90
N SER B 67 1.83 -44.01 12.30
CA SER B 67 1.05 -43.21 11.38
C SER B 67 0.52 -41.96 12.09
N PHE B 68 0.53 -40.85 11.38
CA PHE B 68 0.09 -39.55 11.90
C PHE B 68 -0.07 -38.59 10.72
N VAL B 69 -0.37 -37.34 11.03
CA VAL B 69 -0.63 -36.31 10.01
C VAL B 69 0.12 -35.03 10.39
N ILE B 70 0.78 -34.42 9.40
CA ILE B 70 1.47 -33.16 9.56
C ILE B 70 1.33 -32.37 8.26
N ARG B 71 1.80 -31.12 8.30
CA ARG B 71 1.79 -30.26 7.11
C ARG B 71 3.08 -30.44 6.33
N GLY B 72 3.01 -30.07 5.04
CA GLY B 72 4.09 -30.39 4.11
C GLY B 72 5.46 -29.92 4.56
N ASP B 73 5.53 -28.71 5.13
CA ASP B 73 6.81 -28.19 5.60
C ASP B 73 7.46 -29.08 6.65
N GLU B 74 6.67 -29.87 7.38
CA GLU B 74 7.17 -30.66 8.50
C GLU B 74 7.53 -32.09 8.12
N VAL B 75 7.37 -32.47 6.84
CA VAL B 75 7.73 -33.82 6.44
C VAL B 75 9.23 -34.04 6.54
N ARG B 76 10.03 -32.99 6.28
CA ARG B 76 11.48 -33.10 6.39
C ARG B 76 11.92 -33.53 7.78
N GLN B 77 11.14 -33.21 8.81
CA GLN B 77 11.52 -33.50 10.18
C GLN B 77 11.33 -34.97 10.57
N ILE B 78 10.66 -35.77 9.73
CA ILE B 78 10.53 -37.20 10.01
C ILE B 78 11.75 -37.85 9.36
N ALA B 79 12.84 -37.87 10.11
CA ALA B 79 14.13 -38.36 9.66
C ALA B 79 15.07 -38.38 10.85
N PRO B 80 16.10 -39.22 10.82
CA PRO B 80 17.09 -39.18 11.90
C PRO B 80 17.82 -37.85 11.95
N GLY B 81 18.04 -37.35 13.17
CA GLY B 81 18.85 -36.17 13.38
C GLY B 81 18.22 -34.85 13.01
N GLN B 82 16.91 -34.80 12.81
CA GLN B 82 16.23 -33.55 12.46
C GLN B 82 15.71 -32.85 13.71
N THR B 83 15.63 -31.52 13.63
CA THR B 83 15.11 -30.69 14.71
C THR B 83 13.89 -29.93 14.23
N GLY B 84 13.10 -29.45 15.19
CA GLY B 84 11.87 -28.74 14.88
C GLY B 84 10.74 -29.08 15.83
N LYS B 85 9.62 -28.36 15.70
CA LYS B 85 8.49 -28.57 16.61
C LYS B 85 7.98 -30.01 16.56
N ILE B 86 8.10 -30.66 15.41
CA ILE B 86 7.61 -32.03 15.29
C ILE B 86 8.65 -33.02 15.81
N ALA B 87 9.89 -32.92 15.32
CA ALA B 87 10.91 -33.88 15.71
C ALA B 87 11.29 -33.76 17.18
N ASP B 88 11.17 -32.56 17.76
CA ASP B 88 11.51 -32.40 19.17
C ASP B 88 10.36 -32.80 20.08
N TYR B 89 9.14 -32.36 19.75
CA TYR B 89 8.04 -32.46 20.70
C TYR B 89 6.97 -33.48 20.35
N ASN B 90 6.91 -33.96 19.10
CA ASN B 90 5.83 -34.87 18.71
C ASN B 90 6.32 -36.26 18.33
N TYR B 91 7.28 -36.36 17.42
CA TYR B 91 7.75 -37.67 16.96
C TYR B 91 9.23 -37.58 16.65
N LYS B 92 10.05 -38.31 17.39
CA LYS B 92 11.50 -38.27 17.25
C LYS B 92 12.01 -39.63 16.77
N LEU B 93 12.91 -39.59 15.79
CA LEU B 93 13.54 -40.79 15.26
C LEU B 93 14.99 -40.89 15.72
N PRO B 94 15.47 -42.09 16.01
CA PRO B 94 16.86 -42.23 16.47
C PRO B 94 17.85 -42.08 15.33
N ASP B 95 19.07 -41.67 15.70
CA ASP B 95 20.16 -41.60 14.72
C ASP B 95 20.36 -42.92 14.01
N ASP B 96 20.28 -44.03 14.75
CA ASP B 96 20.43 -45.37 14.19
C ASP B 96 19.09 -45.96 13.76
N PHE B 97 18.36 -45.24 12.91
CA PHE B 97 17.05 -45.67 12.48
C PHE B 97 17.17 -46.77 11.43
N THR B 98 16.47 -47.88 11.67
CA THR B 98 16.38 -48.99 10.72
C THR B 98 14.93 -49.11 10.29
N GLY B 99 14.57 -48.38 9.24
CA GLY B 99 13.20 -48.38 8.77
C GLY B 99 13.04 -47.51 7.56
N CYS B 100 11.80 -47.12 7.28
CA CYS B 100 11.49 -46.25 6.16
C CYS B 100 10.44 -45.22 6.57
N VAL B 101 10.42 -44.11 5.83
CA VAL B 101 9.50 -43.01 6.07
C VAL B 101 8.70 -42.78 4.80
N ILE B 102 7.39 -43.01 4.87
CA ILE B 102 6.50 -42.89 3.72
C ILE B 102 5.53 -41.75 3.98
N ALA B 103 5.17 -41.02 2.93
CA ALA B 103 4.26 -39.89 3.06
C ALA B 103 3.53 -39.68 1.75
N TRP B 104 2.41 -38.94 1.83
CA TRP B 104 1.64 -38.59 0.65
C TRP B 104 0.70 -37.44 0.99
N ASN B 105 0.43 -36.61 -0.01
CA ASN B 105 -0.44 -35.46 0.16
C ASN B 105 -1.87 -35.91 0.44
N SER B 106 -2.48 -35.33 1.48
CA SER B 106 -3.84 -35.69 1.90
C SER B 106 -4.74 -34.46 1.95
N ASN B 107 -4.51 -33.49 1.06
CA ASN B 107 -5.37 -32.32 0.99
C ASN B 107 -6.79 -32.69 0.63
N ASN B 108 -6.98 -33.79 -0.09
CA ASN B 108 -8.32 -34.19 -0.54
C ASN B 108 -9.14 -34.81 0.59
N LEU B 109 -8.49 -35.44 1.57
CA LEU B 109 -9.19 -36.16 2.63
C LEU B 109 -9.18 -35.46 3.98
N ASP B 110 -8.28 -34.51 4.21
CA ASP B 110 -8.12 -33.89 5.52
C ASP B 110 -8.37 -32.38 5.52
N SER B 111 -8.63 -31.78 4.36
CA SER B 111 -8.90 -30.36 4.27
C SER B 111 -10.38 -30.12 4.03
N LYS B 112 -10.94 -29.11 4.71
CA LYS B 112 -12.36 -28.83 4.65
C LYS B 112 -12.57 -27.32 4.51
N VAL B 113 -13.63 -26.94 3.79
CA VAL B 113 -13.99 -25.53 3.69
C VAL B 113 -14.41 -25.03 5.06
N GLY B 114 -13.92 -23.85 5.43
CA GLY B 114 -13.96 -23.37 6.80
C GLY B 114 -12.78 -23.84 7.63
N GLY B 115 -12.20 -24.98 7.29
CA GLY B 115 -10.99 -25.47 7.92
C GLY B 115 -11.20 -26.66 8.82
N ASN B 116 -10.40 -27.71 8.61
CA ASN B 116 -10.37 -28.85 9.51
C ASN B 116 -9.35 -28.58 10.60
N TYR B 117 -9.78 -28.67 11.85
CA TYR B 117 -8.91 -28.37 12.98
C TYR B 117 -8.76 -29.55 13.93
N ASN B 118 -9.21 -30.74 13.53
CA ASN B 118 -9.14 -31.90 14.40
C ASN B 118 -7.70 -32.36 14.61
N TYR B 119 -6.83 -32.13 13.63
CA TYR B 119 -5.44 -32.53 13.74
C TYR B 119 -4.67 -31.52 14.57
N LEU B 120 -4.00 -32.01 15.62
CA LEU B 120 -3.31 -31.17 16.59
C LEU B 120 -1.83 -31.51 16.60
N TYR B 121 -1.08 -30.68 17.31
CA TYR B 121 0.37 -30.88 17.46
C TYR B 121 0.82 -30.18 18.72
N ARG B 122 1.95 -30.64 19.27
CA ARG B 122 2.50 -30.06 20.48
C ARG B 122 3.40 -28.88 20.12
N LEU B 123 3.21 -27.77 20.84
CA LEU B 123 3.98 -26.56 20.60
C LEU B 123 5.01 -26.27 21.68
N PHE B 124 4.81 -26.77 22.90
CA PHE B 124 5.73 -26.54 24.00
C PHE B 124 5.96 -27.83 24.77
N ARG B 125 7.20 -28.05 25.19
CA ARG B 125 7.53 -29.19 26.04
C ARG B 125 8.79 -28.83 26.83
N LYS B 126 8.85 -29.33 28.07
CA LYS B 126 9.97 -28.98 28.94
C LYS B 126 11.28 -29.55 28.41
N SER B 127 11.24 -30.67 27.68
CA SER B 127 12.43 -31.23 27.08
C SER B 127 12.04 -31.89 25.77
N ASN B 128 13.05 -32.34 25.02
CA ASN B 128 12.82 -33.03 23.77
C ASN B 128 12.38 -34.47 24.03
N LEU B 129 11.92 -35.13 22.98
CA LEU B 129 11.45 -36.51 23.08
C LEU B 129 12.59 -37.49 22.81
N LYS B 130 12.60 -38.58 23.58
CA LYS B 130 13.42 -39.72 23.24
C LYS B 130 12.88 -40.38 21.98
N PRO B 131 13.72 -41.09 21.22
CA PRO B 131 13.25 -41.74 20.00
C PRO B 131 12.06 -42.66 20.28
N PHE B 132 11.01 -42.50 19.45
CA PHE B 132 9.79 -43.30 19.53
C PHE B 132 9.01 -43.07 20.82
N GLU B 133 9.18 -41.91 21.45
CA GLU B 133 8.44 -41.58 22.66
C GLU B 133 7.20 -40.78 22.31
N ARG B 134 6.11 -41.04 23.04
CA ARG B 134 4.82 -40.40 22.82
C ARG B 134 4.40 -39.66 24.08
N ASP B 135 3.96 -38.41 23.92
CA ASP B 135 3.51 -37.57 25.04
C ASP B 135 2.09 -37.10 24.72
N ILE B 136 1.10 -37.75 25.34
CA ILE B 136 -0.29 -37.38 25.16
C ILE B 136 -0.83 -36.59 26.36
N SER B 137 0.06 -36.06 27.19
CA SER B 137 -0.38 -35.24 28.31
C SER B 137 -0.95 -33.91 27.81
N THR B 138 -1.79 -33.31 28.65
CA THR B 138 -2.41 -32.02 28.35
C THR B 138 -2.11 -30.98 29.42
N GLU B 139 -1.03 -31.16 30.18
CA GLU B 139 -0.68 -30.22 31.24
C GLU B 139 -0.42 -28.83 30.67
N ILE B 140 -0.95 -27.82 31.36
CA ILE B 140 -0.65 -26.44 31.00
C ILE B 140 0.85 -26.22 31.09
N TYR B 141 1.43 -25.63 30.04
CA TYR B 141 2.87 -25.49 29.96
C TYR B 141 3.32 -24.23 30.70
N GLN B 142 4.33 -24.38 31.56
CA GLN B 142 4.89 -23.28 32.32
C GLN B 142 6.10 -22.72 31.58
N ALA B 143 5.97 -21.49 31.09
CA ALA B 143 7.08 -20.79 30.45
C ALA B 143 7.78 -19.81 31.38
N GLY B 144 7.04 -19.19 32.29
CA GLY B 144 7.63 -18.29 33.26
C GLY B 144 8.13 -18.98 34.51
N SER B 145 7.93 -18.35 35.65
CA SER B 145 8.23 -18.96 36.94
C SER B 145 7.06 -18.93 37.92
N THR B 146 6.04 -18.12 37.67
CA THR B 146 4.81 -18.22 38.44
C THR B 146 4.15 -19.57 38.18
N PRO B 147 3.64 -20.23 39.23
CA PRO B 147 3.01 -21.54 39.03
C PRO B 147 1.73 -21.41 38.21
N CYS B 148 1.64 -22.19 37.14
CA CYS B 148 0.46 -22.14 36.28
C CYS B 148 -0.77 -22.66 37.00
N ASN B 149 -0.59 -23.70 37.82
CA ASN B 149 -1.69 -24.31 38.58
C ASN B 149 -2.82 -24.76 37.65
N GLY B 150 -2.44 -25.51 36.61
CA GLY B 150 -3.37 -26.07 35.64
C GLY B 150 -4.43 -25.14 35.08
N VAL B 151 -4.00 -23.96 34.63
CA VAL B 151 -4.89 -23.03 33.94
C VAL B 151 -4.02 -22.12 33.08
N GLU B 152 -4.48 -21.88 31.85
CA GLU B 152 -3.69 -21.12 30.90
C GLU B 152 -3.89 -19.62 31.08
N GLY B 153 -2.80 -18.87 30.94
CA GLY B 153 -2.82 -17.43 31.10
C GLY B 153 -1.52 -16.80 30.67
N PHE B 154 -1.14 -15.69 31.30
CA PHE B 154 0.15 -15.07 30.99
C PHE B 154 1.29 -16.01 31.36
N ASN B 155 2.17 -16.26 30.40
CA ASN B 155 3.30 -17.18 30.54
C ASN B 155 2.86 -18.59 30.92
N CYS B 156 1.60 -18.94 30.65
CA CYS B 156 1.08 -20.27 30.90
C CYS B 156 0.14 -20.62 29.74
N TYR B 157 0.60 -21.51 28.86
CA TYR B 157 -0.09 -21.81 27.63
C TYR B 157 -0.50 -23.28 27.57
N PHE B 158 -1.62 -23.53 26.89
CA PHE B 158 -2.02 -24.91 26.60
C PHE B 158 -1.06 -25.49 25.57
N PRO B 159 -0.49 -26.67 25.82
CA PRO B 159 0.64 -27.13 24.99
C PRO B 159 0.26 -27.52 23.57
N LEU B 160 -1.00 -27.85 23.31
CA LEU B 160 -1.43 -28.36 22.01
C LEU B 160 -2.17 -27.29 21.23
N GLN B 161 -1.70 -27.00 20.02
CA GLN B 161 -2.42 -26.15 19.09
C GLN B 161 -3.06 -27.01 18.00
N SER B 162 -3.75 -26.36 17.06
CA SER B 162 -4.59 -27.06 16.09
C SER B 162 -4.18 -26.68 14.68
N TYR B 163 -3.81 -27.68 13.88
CA TYR B 163 -3.55 -27.48 12.46
C TYR B 163 -4.77 -26.88 11.77
N GLY B 164 -4.58 -25.75 11.10
CA GLY B 164 -5.61 -25.13 10.28
C GLY B 164 -5.65 -25.59 8.84
N PHE B 165 -6.03 -26.85 8.59
CA PHE B 165 -6.00 -27.40 7.23
C PHE B 165 -7.20 -26.91 6.44
N GLN B 166 -6.98 -25.92 5.54
CA GLN B 166 -7.91 -25.48 4.50
C GLN B 166 -7.50 -26.06 3.16
N PRO B 167 -8.46 -26.27 2.24
CA PRO B 167 -8.10 -26.84 0.93
C PRO B 167 -7.39 -25.85 0.02
N THR B 168 -7.50 -24.56 0.27
CA THR B 168 -6.86 -23.55 -0.57
C THR B 168 -5.44 -23.20 -0.13
N ASN B 169 -4.93 -23.83 0.92
CA ASN B 169 -3.60 -23.55 1.41
C ASN B 169 -2.54 -23.89 0.35
N GLY B 170 -1.33 -23.37 0.58
CA GLY B 170 -0.18 -23.81 -0.18
C GLY B 170 0.19 -25.24 0.17
N VAL B 171 1.10 -25.80 -0.64
CA VAL B 171 1.49 -27.19 -0.46
C VAL B 171 2.18 -27.39 0.88
N GLY B 172 2.99 -26.42 1.29
CA GLY B 172 3.68 -26.52 2.57
C GLY B 172 2.75 -26.52 3.75
N TYR B 173 1.56 -25.94 3.61
CA TYR B 173 0.56 -25.92 4.66
C TYR B 173 -0.54 -26.95 4.47
N GLN B 174 -0.49 -27.72 3.38
CA GLN B 174 -1.48 -28.77 3.16
C GLN B 174 -1.15 -30.00 4.00
N PRO B 175 -2.16 -30.78 4.38
CA PRO B 175 -1.89 -31.95 5.24
C PRO B 175 -1.22 -33.07 4.46
N TYR B 176 -0.36 -33.81 5.18
CA TYR B 176 0.34 -34.96 4.64
C TYR B 176 0.20 -36.12 5.60
N ARG B 177 -0.18 -37.28 5.09
CA ARG B 177 -0.27 -38.49 5.90
C ARG B 177 1.04 -39.24 5.81
N VAL B 178 1.54 -39.70 6.95
CA VAL B 178 2.88 -40.26 7.07
C VAL B 178 2.79 -41.64 7.71
N VAL B 179 3.54 -42.60 7.17
CA VAL B 179 3.64 -43.93 7.75
C VAL B 179 5.12 -44.26 7.90
N VAL B 180 5.57 -44.49 9.13
CA VAL B 180 6.96 -44.78 9.44
C VAL B 180 7.06 -46.25 9.79
N LEU B 181 7.67 -47.04 8.91
CA LEU B 181 7.88 -48.45 9.17
C LEU B 181 9.12 -48.65 10.03
N SER B 182 9.02 -49.49 11.05
CA SER B 182 10.12 -49.79 11.96
C SER B 182 10.38 -51.28 11.95
N PHE B 183 11.61 -51.68 11.62
CA PHE B 183 11.99 -53.07 11.54
C PHE B 183 12.79 -53.47 12.77
N GLU B 184 12.33 -54.51 13.46
CA GLU B 184 12.93 -54.96 14.71
C GLU B 184 13.57 -56.32 14.49
N LEU B 185 14.80 -56.49 14.98
CA LEU B 185 15.56 -57.72 14.83
C LEU B 185 16.08 -58.12 16.20
N LEU B 186 15.33 -58.98 16.86
CA LEU B 186 15.69 -59.56 18.15
C LEU B 186 16.19 -60.98 17.97
N HIS B 187 16.93 -61.47 18.95
CA HIS B 187 17.44 -62.83 18.95
C HIS B 187 16.26 -63.73 19.29
N ALA B 188 15.43 -63.97 18.28
CA ALA B 188 14.02 -64.21 18.47
C ALA B 188 13.48 -64.90 17.22
N PRO B 189 12.19 -65.31 17.22
CA PRO B 189 11.67 -66.11 16.09
C PRO B 189 11.80 -65.47 14.70
N ALA B 190 11.80 -64.15 14.57
CA ALA B 190 11.88 -63.49 13.26
C ALA B 190 10.74 -63.93 12.33
N THR B 191 9.51 -63.62 12.76
CA THR B 191 8.30 -64.20 12.17
C THR B 191 7.91 -63.59 10.82
N VAL B 192 8.15 -62.30 10.59
CA VAL B 192 7.70 -61.63 9.36
C VAL B 192 8.84 -61.68 8.36
N CYS B 193 8.85 -62.67 7.48
CA CYS B 193 9.92 -62.61 6.48
C CYS B 193 9.53 -61.95 5.16
N GLY B 194 8.53 -62.49 4.47
CA GLY B 194 8.17 -61.96 3.17
C GLY B 194 9.01 -62.68 2.12
N PRO B 195 8.38 -63.33 1.12
CA PRO B 195 9.32 -63.60 0.03
C PRO B 195 9.42 -62.44 -0.95
ZN ZN C . 1.03 -2.56 -6.51
#